data_6F93
#
_entry.id   6F93
#
_cell.length_a   57.349
_cell.length_b   87.548
_cell.length_c   162.476
_cell.angle_alpha   90.00
_cell.angle_beta   90.00
_cell.angle_gamma   90.00
#
_symmetry.space_group_name_H-M   'P 21 21 21'
#
loop_
_entity.id
_entity.type
_entity.pdbx_description
1 polymer 'Serine hydroxymethyltransferase'
2 water water
#
_entity_poly.entity_id   1
_entity_poly.type   'polypeptide(L)'
_entity_poly.pdbx_seq_one_letter_code
;MAYFLEQTDSEIFELIFEEYKRQNEHLEMIASENYTFASVMEAMGSVLTNKYAEGYPNKRYYGGCEVVDKIESLAIERAK
KLFNCQFANVQAHSGSQANNAVYHALLKPYDKILGMDLSCGGHLTHGAKVSLTGKHYQSFSYGVNLDGYIDYEEALKIAQ
SVKPEIIVCGFSAYPREIDFKKFREIADEVGALLLGDIAHVAGLVVTGEHAHPFPHCHVVSSTTHKTLRGPRGGIILTND
EEIAAKIDKAIFPGTQGGPLMHVIAAKAVGFKENLKPEFKAYAQLVKSNMQVLAKALKEKNHKLVSGGTSNHLLLMDFLD
KPYSGKDADIALGNAGITVNKNTIPGETRSPFVTSGIRIGSAALSARGMGAKEFEIIGNKISDILNDINNVSLQLHVKEE
LKAMVNQFPVYHQPIFRSHHHHHH
;
_entity_poly.pdbx_strand_id   A,B
#
# COMPACT_ATOMS: atom_id res chain seq x y z
N PHE A 4 0.22 23.18 -7.08
CA PHE A 4 1.66 23.43 -7.15
C PHE A 4 2.40 22.34 -7.93
N LEU A 5 1.69 21.26 -8.33
CA LEU A 5 2.26 20.37 -9.33
C LEU A 5 2.33 21.05 -10.68
N GLU A 6 1.44 22.02 -10.94
CA GLU A 6 1.44 22.73 -12.22
C GLU A 6 2.69 23.58 -12.38
N GLN A 7 3.35 23.93 -11.28
CA GLN A 7 4.58 24.73 -11.32
C GLN A 7 5.84 23.86 -11.30
N THR A 8 5.89 22.82 -10.46
CA THR A 8 7.13 22.08 -10.27
C THR A 8 7.28 20.94 -11.28
N ASP A 9 6.33 20.01 -11.32
CA ASP A 9 6.42 18.83 -12.18
C ASP A 9 5.39 18.92 -13.31
N SER A 10 5.80 19.48 -14.45
CA SER A 10 4.90 19.59 -15.59
C SER A 10 4.53 18.23 -16.16
N GLU A 11 5.51 17.33 -16.30
CA GLU A 11 5.23 16.06 -16.96
C GLU A 11 4.25 15.22 -16.17
N ILE A 12 4.39 15.18 -14.84
CA ILE A 12 3.45 14.42 -14.04
C ILE A 12 2.08 15.06 -14.08
N PHE A 13 2.04 16.40 -14.07
CA PHE A 13 0.75 17.09 -14.07
C PHE A 13 -0.04 16.79 -15.33
N GLU A 14 0.61 16.79 -16.48
CA GLU A 14 -0.10 16.46 -17.71
C GLU A 14 -0.63 15.04 -17.68
N LEU A 15 0.05 14.15 -16.96
CA LEU A 15 -0.38 12.76 -16.89
C LEU A 15 -1.59 12.59 -15.98
N ILE A 16 -1.67 13.40 -14.92
CA ILE A 16 -2.84 13.35 -14.05
C ILE A 16 -4.05 13.94 -14.76
N PHE A 17 -3.85 15.03 -15.50
CA PHE A 17 -4.96 15.65 -16.22
C PHE A 17 -5.44 14.79 -17.37
N GLU A 18 -4.50 14.21 -18.13
CA GLU A 18 -4.83 13.17 -19.11
C GLU A 18 -5.77 12.14 -18.51
N GLU A 19 -5.44 11.66 -17.31
CA GLU A 19 -6.23 10.61 -16.66
C GLU A 19 -7.60 11.11 -16.24
N TYR A 20 -7.67 12.32 -15.67
CA TYR A 20 -8.95 12.85 -15.21
C TYR A 20 -9.88 13.18 -16.38
N LYS A 21 -9.32 13.61 -17.51
CA LYS A 21 -10.13 13.73 -18.72
C LYS A 21 -10.53 12.36 -19.23
N ARG A 22 -9.65 11.36 -19.09
CA ARG A 22 -9.97 10.02 -19.56
C ARG A 22 -11.07 9.37 -18.74
N GLN A 23 -11.15 9.70 -17.46
CA GLN A 23 -12.24 9.17 -16.65
C GLN A 23 -13.55 9.88 -16.95
N ASN A 24 -13.48 11.11 -17.47
N ASN A 24 -13.48 11.12 -17.46
CA ASN A 24 -14.68 11.89 -17.74
CA ASN A 24 -14.69 11.88 -17.74
C ASN A 24 -15.32 11.53 -19.07
C ASN A 24 -15.31 11.55 -19.08
N GLU A 25 -14.54 11.00 -20.01
CA GLU A 25 -14.98 10.87 -21.40
C GLU A 25 -15.14 9.42 -21.85
N HIS A 26 -15.61 8.56 -20.96
CA HIS A 26 -16.03 7.22 -21.38
C HIS A 26 -16.90 6.62 -20.29
N LEU A 27 -17.66 5.61 -20.69
CA LEU A 27 -18.50 4.89 -19.74
C LEU A 27 -17.73 3.73 -19.15
N GLU A 28 -17.35 3.87 -17.88
CA GLU A 28 -16.78 2.74 -17.15
C GLU A 28 -17.92 1.81 -16.75
N MET A 29 -17.99 0.66 -17.40
CA MET A 29 -18.96 -0.36 -17.04
C MET A 29 -18.27 -1.67 -16.66
N ILE A 30 -17.02 -1.59 -16.25
CA ILE A 30 -16.35 -2.73 -15.62
C ILE A 30 -16.84 -2.83 -14.19
N ALA A 31 -17.21 -4.04 -13.77
CA ALA A 31 -17.89 -4.22 -12.49
C ALA A 31 -17.00 -3.87 -11.30
N SER A 32 -15.68 -3.99 -11.44
CA SER A 32 -14.77 -3.76 -10.32
C SER A 32 -14.38 -2.31 -10.14
N GLU A 33 -14.69 -1.44 -11.11
CA GLU A 33 -14.17 -0.09 -11.11
C GLU A 33 -15.20 0.93 -10.64
N ASN A 34 -14.71 1.99 -10.01
CA ASN A 34 -15.57 3.04 -9.50
C ASN A 34 -14.74 4.31 -9.37
N TYR A 35 -15.40 5.37 -8.90
CA TYR A 35 -14.75 6.63 -8.62
C TYR A 35 -14.76 6.85 -7.12
N THR A 36 -13.57 7.07 -6.55
CA THR A 36 -13.43 7.15 -5.10
C THR A 36 -14.04 8.44 -4.58
N PHE A 37 -14.64 8.35 -3.39
CA PHE A 37 -15.12 9.55 -2.70
C PHE A 37 -14.07 10.64 -2.72
N ALA A 38 -14.48 11.85 -3.06
CA ALA A 38 -13.57 12.99 -3.02
C ALA A 38 -12.93 13.14 -1.65
N SER A 39 -13.72 12.96 -0.59
CA SER A 39 -13.19 13.09 0.77
C SER A 39 -12.08 12.08 1.03
N VAL A 40 -12.14 10.91 0.37
CA VAL A 40 -11.13 9.89 0.60
C VAL A 40 -9.80 10.33 -0.01
N MET A 41 -9.83 10.82 -1.25
CA MET A 41 -8.61 11.34 -1.85
C MET A 41 -8.01 12.46 -1.00
N GLU A 42 -8.85 13.25 -0.34
CA GLU A 42 -8.36 14.31 0.53
C GLU A 42 -7.49 13.73 1.64
N ALA A 43 -8.01 12.75 2.39
CA ALA A 43 -7.20 12.11 3.42
C ALA A 43 -5.98 11.39 2.82
N MET A 44 -6.15 10.79 1.64
CA MET A 44 -5.02 10.11 0.99
C MET A 44 -3.87 11.07 0.72
N GLY A 45 -4.15 12.36 0.54
CA GLY A 45 -3.10 13.33 0.28
C GLY A 45 -2.82 14.26 1.45
N SER A 46 -2.98 13.76 2.67
CA SER A 46 -2.79 14.56 3.87
C SER A 46 -1.38 14.36 4.43
N VAL A 47 -1.09 15.08 5.52
CA VAL A 47 0.21 15.02 6.16
C VAL A 47 0.36 13.75 6.98
N LEU A 48 -0.70 12.94 7.02
CA LEU A 48 -0.64 11.69 7.77
C LEU A 48 0.37 10.71 7.21
N THR A 49 0.80 10.91 5.95
CA THR A 49 1.84 10.07 5.39
C THR A 49 3.17 10.22 6.11
N ASN A 50 3.31 11.25 6.97
CA ASN A 50 4.56 11.46 7.69
C ASN A 50 4.64 10.62 8.96
N LYS A 51 3.52 10.45 9.66
CA LYS A 51 3.54 9.83 10.98
C LYS A 51 3.74 8.32 10.89
N TYR A 52 4.35 7.77 11.93
CA TYR A 52 4.54 6.33 12.06
C TYR A 52 3.65 5.76 13.17
N VAL A 67 -0.19 -0.85 21.09
CA VAL A 67 -0.04 0.60 21.02
C VAL A 67 -1.01 1.16 19.98
N VAL A 68 -2.27 1.34 20.39
CA VAL A 68 -3.33 1.66 19.45
C VAL A 68 -3.23 3.13 19.04
N ASP A 69 -3.31 3.37 17.74
CA ASP A 69 -3.38 4.73 17.22
C ASP A 69 -4.83 5.18 17.18
N LYS A 70 -5.06 6.46 17.46
CA LYS A 70 -6.42 6.99 17.46
C LYS A 70 -7.14 6.74 16.13
N ILE A 71 -6.40 6.69 15.03
CA ILE A 71 -7.04 6.65 13.72
C ILE A 71 -7.43 5.23 13.30
N GLU A 72 -6.65 4.22 13.66
CA GLU A 72 -7.09 2.87 13.33
C GLU A 72 -8.24 2.45 14.24
N SER A 73 -8.32 2.97 15.46
CA SER A 73 -9.50 2.76 16.30
C SER A 73 -10.74 3.25 15.59
N LEU A 74 -10.73 4.53 15.18
CA LEU A 74 -11.89 5.10 14.50
C LEU A 74 -12.24 4.34 13.23
N ALA A 75 -11.24 3.79 12.54
CA ALA A 75 -11.52 2.97 11.37
C ALA A 75 -12.16 1.65 11.78
N ILE A 76 -11.61 1.01 12.81
CA ILE A 76 -12.17 -0.25 13.30
C ILE A 76 -13.54 -0.01 13.91
N GLU A 77 -13.72 1.13 14.59
CA GLU A 77 -15.03 1.45 15.16
C GLU A 77 -16.09 1.54 14.06
N ARG A 78 -15.84 2.37 13.04
CA ARG A 78 -16.80 2.51 11.96
C ARG A 78 -16.93 1.22 11.17
N ALA A 79 -15.84 0.48 10.99
CA ALA A 79 -15.91 -0.82 10.33
C ALA A 79 -16.88 -1.75 11.05
N LYS A 80 -16.80 -1.81 12.38
CA LYS A 80 -17.71 -2.67 13.13
C LYS A 80 -19.16 -2.18 13.00
N LYS A 81 -19.36 -0.87 13.03
CA LYS A 81 -20.71 -0.34 12.93
C LYS A 81 -21.27 -0.51 11.53
N LEU A 82 -20.42 -0.32 10.52
CA LEU A 82 -20.86 -0.42 9.14
C LEU A 82 -21.20 -1.86 8.77
N PHE A 83 -20.28 -2.77 9.04
CA PHE A 83 -20.49 -4.17 8.68
C PHE A 83 -21.28 -4.93 9.73
N ASN A 84 -21.61 -4.30 10.86
CA ASN A 84 -22.43 -4.90 11.90
C ASN A 84 -21.77 -6.17 12.45
N CYS A 85 -20.63 -5.95 13.13
CA CYS A 85 -19.86 -7.07 13.64
C CYS A 85 -19.09 -6.62 14.88
N GLN A 86 -18.22 -7.52 15.36
CA GLN A 86 -17.55 -7.37 16.66
C GLN A 86 -16.08 -7.04 16.57
N PHE A 87 -15.39 -7.49 15.52
CA PHE A 87 -13.95 -7.24 15.39
C PHE A 87 -13.62 -6.95 13.94
N ALA A 88 -12.61 -6.10 13.75
CA ALA A 88 -12.22 -5.70 12.41
C ALA A 88 -10.71 -5.48 12.38
N ASN A 89 -10.09 -5.93 11.29
CA ASN A 89 -8.69 -5.66 11.00
C ASN A 89 -8.65 -4.86 9.70
N VAL A 90 -8.34 -3.57 9.80
CA VAL A 90 -8.37 -2.67 8.65
C VAL A 90 -6.97 -2.46 8.06
N GLN A 91 -6.06 -3.41 8.26
CA GLN A 91 -4.69 -3.23 7.81
C GLN A 91 -4.35 -4.01 6.54
N ALA A 92 -5.24 -4.88 6.05
CA ALA A 92 -4.98 -5.58 4.81
C ALA A 92 -4.79 -4.60 3.67
N HIS A 93 -3.80 -4.87 2.82
CA HIS A 93 -3.43 -3.98 1.72
C HIS A 93 -4.24 -4.23 0.45
N SER A 94 -5.03 -5.29 0.41
CA SER A 94 -5.69 -5.71 -0.82
C SER A 94 -6.80 -6.67 -0.47
N GLY A 95 -7.71 -6.87 -1.43
CA GLY A 95 -8.70 -7.93 -1.26
C GLY A 95 -8.11 -9.32 -1.31
N SER A 96 -6.95 -9.47 -1.97
CA SER A 96 -6.32 -10.77 -2.07
C SER A 96 -5.57 -11.12 -0.78
N GLN A 97 -4.89 -10.14 -0.19
CA GLN A 97 -4.27 -10.38 1.12
C GLN A 97 -5.32 -10.75 2.15
N ALA A 98 -6.45 -10.05 2.17
CA ALA A 98 -7.52 -10.35 3.12
C ALA A 98 -7.90 -11.82 3.05
N ASN A 99 -8.19 -12.32 1.84
CA ASN A 99 -8.49 -13.73 1.68
C ASN A 99 -7.31 -14.60 2.08
N ASN A 100 -6.10 -14.24 1.62
CA ASN A 100 -4.93 -15.03 1.96
C ASN A 100 -4.60 -14.97 3.45
N ALA A 101 -4.84 -13.81 4.09
CA ALA A 101 -4.56 -13.70 5.51
C ALA A 101 -5.51 -14.55 6.34
N VAL A 102 -6.78 -14.66 5.91
CA VAL A 102 -7.70 -15.57 6.57
C VAL A 102 -7.17 -17.00 6.46
N TYR A 103 -6.66 -17.36 5.28
CA TYR A 103 -6.20 -18.73 5.06
C TYR A 103 -5.05 -19.11 5.99
N HIS A 104 -4.04 -18.22 6.13
CA HIS A 104 -2.92 -18.53 7.01
C HIS A 104 -3.35 -18.57 8.48
N ALA A 105 -4.30 -17.71 8.86
CA ALA A 105 -4.70 -17.62 10.27
C ALA A 105 -5.51 -18.83 10.69
N LEU A 106 -6.37 -19.34 9.81
CA LEU A 106 -7.31 -20.38 10.19
C LEU A 106 -6.94 -21.77 9.69
N LEU A 107 -6.07 -21.91 8.70
CA LEU A 107 -5.71 -23.24 8.24
C LEU A 107 -4.31 -23.64 8.67
N LYS A 108 -3.99 -24.89 8.29
CA LYS A 108 -2.72 -25.59 8.43
C LYS A 108 -2.35 -26.01 7.00
N PRO A 109 -1.11 -26.43 6.75
CA PRO A 109 -0.74 -26.80 5.37
C PRO A 109 -1.58 -27.97 4.88
N TYR A 110 -1.85 -27.96 3.57
CA TYR A 110 -2.58 -29.00 2.87
C TYR A 110 -4.02 -29.15 3.32
N ASP A 111 -4.59 -28.11 3.92
CA ASP A 111 -6.01 -28.09 4.21
C ASP A 111 -6.83 -27.80 2.95
N LYS A 112 -8.02 -28.37 2.89
CA LYS A 112 -8.89 -28.27 1.73
C LYS A 112 -9.74 -26.99 1.79
N ILE A 113 -10.01 -26.42 0.62
CA ILE A 113 -10.70 -25.15 0.49
C ILE A 113 -11.74 -25.26 -0.62
N LEU A 114 -13.00 -25.05 -0.27
CA LEU A 114 -14.11 -25.13 -1.23
C LEU A 114 -14.57 -23.73 -1.59
N GLY A 115 -14.59 -23.42 -2.89
CA GLY A 115 -14.96 -22.11 -3.37
C GLY A 115 -15.72 -22.20 -4.68
N MET A 116 -16.15 -21.04 -5.16
CA MET A 116 -17.05 -20.96 -6.30
C MET A 116 -16.29 -20.78 -7.61
N ASP A 117 -16.84 -21.34 -8.68
CA ASP A 117 -16.56 -20.91 -10.05
C ASP A 117 -17.87 -20.94 -10.84
N LEU A 118 -17.79 -20.67 -12.14
CA LEU A 118 -18.98 -20.58 -12.99
C LEU A 118 -19.17 -21.78 -13.90
N SER A 119 -18.38 -22.84 -13.73
CA SER A 119 -18.65 -24.06 -14.48
C SER A 119 -19.99 -24.63 -14.06
N CYS A 120 -20.51 -25.55 -14.87
CA CYS A 120 -21.77 -26.24 -14.56
C CYS A 120 -21.50 -27.75 -14.60
N GLY A 121 -21.31 -28.34 -13.42
CA GLY A 121 -21.18 -29.78 -13.31
C GLY A 121 -19.81 -30.34 -13.58
N GLY A 122 -18.83 -29.50 -13.95
CA GLY A 122 -17.50 -30.00 -14.26
C GLY A 122 -16.73 -30.51 -13.05
N HIS A 123 -17.18 -30.20 -11.84
CA HIS A 123 -16.44 -30.52 -10.62
C HIS A 123 -16.70 -31.96 -10.16
N SER A 131 -8.86 -32.88 -6.59
CA SER A 131 -7.76 -32.29 -5.82
C SER A 131 -6.90 -31.37 -6.69
N LEU A 132 -7.02 -30.06 -6.46
CA LEU A 132 -6.33 -29.05 -7.22
C LEU A 132 -5.44 -28.23 -6.28
N THR A 133 -4.50 -27.49 -6.86
CA THR A 133 -3.41 -26.89 -6.09
C THR A 133 -3.74 -25.46 -5.62
N GLY A 134 -3.11 -25.07 -4.51
CA GLY A 134 -3.18 -23.71 -3.99
C GLY A 134 -1.79 -23.18 -3.69
N LYS A 135 -1.69 -22.17 -2.82
CA LYS A 135 -0.34 -21.67 -2.46
C LYS A 135 0.41 -22.71 -1.63
N HIS A 136 -0.30 -23.42 -0.74
CA HIS A 136 0.09 -24.72 -0.22
C HIS A 136 -1.15 -25.40 0.36
N TYR A 137 -2.28 -25.25 -0.33
CA TYR A 137 -3.57 -25.82 0.05
C TYR A 137 -4.14 -26.59 -1.13
N GLN A 138 -5.29 -27.22 -0.91
CA GLN A 138 -6.01 -27.96 -1.95
C GLN A 138 -7.33 -27.25 -2.23
N SER A 139 -7.51 -26.77 -3.46
CA SER A 139 -8.71 -26.04 -3.82
C SER A 139 -9.70 -26.97 -4.53
N PHE A 140 -10.93 -26.99 -4.05
CA PHE A 140 -12.04 -27.65 -4.73
C PHE A 140 -13.07 -26.60 -5.08
N SER A 141 -13.97 -26.94 -6.00
CA SER A 141 -14.92 -25.97 -6.52
C SER A 141 -16.33 -26.54 -6.56
N TYR A 142 -17.29 -25.66 -6.31
CA TYR A 142 -18.71 -25.91 -6.56
C TYR A 142 -19.18 -24.91 -7.62
N GLY A 143 -20.20 -25.31 -8.38
CA GLY A 143 -20.64 -24.50 -9.51
C GLY A 143 -22.08 -24.01 -9.46
N VAL A 144 -22.76 -24.00 -10.61
CA VAL A 144 -24.05 -23.34 -10.73
C VAL A 144 -25.05 -24.29 -11.37
N ASN A 145 -26.32 -23.88 -11.30
CA ASN A 145 -27.44 -24.55 -11.93
C ASN A 145 -27.27 -24.59 -13.44
N LEU A 146 -28.13 -25.36 -14.08
CA LEU A 146 -28.42 -25.10 -15.48
C LEU A 146 -29.15 -23.78 -15.67
N ASP A 147 -29.67 -23.20 -14.59
CA ASP A 147 -30.30 -21.89 -14.60
C ASP A 147 -29.35 -20.78 -14.19
N GLY A 148 -28.05 -21.05 -14.12
CA GLY A 148 -27.09 -20.03 -13.73
C GLY A 148 -27.09 -19.66 -12.26
N TYR A 149 -27.88 -20.34 -11.43
CA TYR A 149 -27.89 -20.11 -10.00
C TYR A 149 -26.97 -21.11 -9.32
N ILE A 150 -26.39 -20.70 -8.19
CA ILE A 150 -25.56 -21.61 -7.42
C ILE A 150 -26.35 -22.85 -7.08
N ASP A 151 -25.78 -24.02 -7.37
CA ASP A 151 -26.40 -25.30 -7.05
C ASP A 151 -25.98 -25.65 -5.63
N TYR A 152 -26.85 -25.33 -4.66
CA TYR A 152 -26.51 -25.55 -3.26
C TYR A 152 -26.56 -27.03 -2.90
N GLU A 153 -27.48 -27.78 -3.51
CA GLU A 153 -27.52 -29.23 -3.28
C GLU A 153 -26.24 -29.89 -3.74
N GLU A 154 -25.79 -29.54 -4.95
CA GLU A 154 -24.51 -30.06 -5.44
C GLU A 154 -23.37 -29.67 -4.51
N ALA A 155 -23.41 -28.45 -3.97
CA ALA A 155 -22.35 -28.01 -3.08
C ALA A 155 -22.27 -28.87 -1.83
N LEU A 156 -23.43 -29.20 -1.24
CA LEU A 156 -23.43 -30.06 -0.07
C LEU A 156 -22.91 -31.46 -0.41
N LYS A 157 -23.23 -31.94 -1.62
CA LYS A 157 -22.69 -33.22 -2.06
C LYS A 157 -21.17 -33.19 -2.12
N ILE A 158 -20.63 -32.15 -2.76
CA ILE A 158 -19.17 -31.99 -2.84
C ILE A 158 -18.59 -31.82 -1.45
N ALA A 159 -19.22 -30.97 -0.63
CA ALA A 159 -18.76 -30.76 0.74
C ALA A 159 -18.74 -32.08 1.53
N GLN A 160 -19.71 -32.95 1.28
CA GLN A 160 -19.72 -34.24 1.97
C GLN A 160 -18.66 -35.19 1.42
N SER A 161 -18.35 -35.09 0.13
CA SER A 161 -17.26 -35.90 -0.44
C SER A 161 -15.91 -35.40 0.07
N VAL A 162 -15.67 -34.10 -0.04
CA VAL A 162 -14.34 -33.54 0.20
C VAL A 162 -14.07 -33.34 1.69
N LYS A 163 -15.10 -33.03 2.48
CA LYS A 163 -14.97 -32.66 3.88
C LYS A 163 -13.92 -31.57 4.02
N PRO A 164 -14.20 -30.36 3.52
CA PRO A 164 -13.19 -29.31 3.51
C PRO A 164 -13.09 -28.57 4.84
N GLU A 165 -11.89 -28.08 5.13
CA GLU A 165 -11.68 -27.32 6.35
C GLU A 165 -12.37 -25.96 6.29
N ILE A 166 -12.47 -25.35 5.10
CA ILE A 166 -13.13 -24.06 4.95
C ILE A 166 -13.90 -24.03 3.63
N ILE A 167 -15.00 -23.30 3.64
CA ILE A 167 -15.79 -23.00 2.44
C ILE A 167 -15.72 -21.50 2.19
N VAL A 168 -15.56 -21.12 0.93
CA VAL A 168 -15.58 -19.71 0.53
C VAL A 168 -16.81 -19.49 -0.34
N CYS A 169 -17.62 -18.51 0.04
CA CYS A 169 -18.69 -18.03 -0.82
C CYS A 169 -18.40 -16.59 -1.23
N GLY A 170 -18.92 -16.20 -2.39
CA GLY A 170 -18.57 -14.94 -3.00
C GLY A 170 -17.91 -15.16 -4.34
N PHE A 171 -18.25 -14.34 -5.33
CA PHE A 171 -17.67 -14.54 -6.65
C PHE A 171 -17.79 -13.25 -7.46
N SER A 172 -16.78 -12.98 -8.29
CA SER A 172 -16.70 -11.72 -9.03
C SER A 172 -17.69 -11.67 -10.18
N ALA A 173 -18.04 -12.80 -10.77
CA ALA A 173 -18.91 -12.82 -11.94
C ALA A 173 -20.31 -13.33 -11.63
N TYR A 174 -20.68 -13.43 -10.36
CA TYR A 174 -21.98 -13.97 -10.00
C TYR A 174 -23.02 -12.87 -10.08
N PRO A 175 -24.06 -13.00 -10.91
CA PRO A 175 -25.05 -11.93 -11.07
C PRO A 175 -26.17 -11.92 -10.04
N ARG A 176 -26.14 -12.80 -9.05
CA ARG A 176 -27.26 -12.97 -8.13
C ARG A 176 -26.79 -12.85 -6.69
N GLU A 177 -27.74 -12.98 -5.78
CA GLU A 177 -27.46 -12.92 -4.35
C GLU A 177 -26.89 -14.25 -3.86
N ILE A 178 -25.94 -14.17 -2.95
CA ILE A 178 -25.41 -15.35 -2.28
C ILE A 178 -26.23 -15.59 -1.03
N ASP A 179 -26.57 -16.85 -0.76
CA ASP A 179 -27.35 -17.23 0.41
C ASP A 179 -26.37 -17.68 1.49
N PHE A 180 -25.87 -16.71 2.26
CA PHE A 180 -24.90 -17.02 3.31
C PHE A 180 -25.48 -17.98 4.34
N LYS A 181 -26.80 -17.97 4.54
CA LYS A 181 -27.42 -18.87 5.49
C LYS A 181 -27.26 -20.32 5.04
N LYS A 182 -27.75 -20.64 3.84
CA LYS A 182 -27.66 -22.00 3.33
C LYS A 182 -26.24 -22.51 3.32
N PHE A 183 -25.26 -21.61 3.19
CA PHE A 183 -23.87 -22.03 3.21
C PHE A 183 -23.44 -22.42 4.62
N ARG A 184 -23.90 -21.69 5.63
CA ARG A 184 -23.57 -22.09 7.00
C ARG A 184 -24.23 -23.41 7.37
N GLU A 185 -25.39 -23.71 6.79
CA GLU A 185 -25.99 -25.03 6.95
C GLU A 185 -25.11 -26.12 6.35
N ILE A 186 -24.51 -25.85 5.19
CA ILE A 186 -23.62 -26.82 4.58
C ILE A 186 -22.34 -26.96 5.39
N ALA A 187 -21.84 -25.84 5.93
CA ALA A 187 -20.60 -25.88 6.69
C ALA A 187 -20.81 -26.51 8.06
N ASP A 188 -21.99 -26.29 8.67
CA ASP A 188 -22.27 -26.91 9.96
C ASP A 188 -22.41 -28.41 9.83
N GLU A 189 -23.04 -28.88 8.75
CA GLU A 189 -23.19 -30.32 8.53
C GLU A 189 -21.83 -30.97 8.28
N VAL A 190 -20.96 -30.28 7.52
CA VAL A 190 -19.67 -30.84 7.14
C VAL A 190 -18.60 -30.59 8.20
N GLY A 191 -18.83 -29.67 9.13
CA GLY A 191 -17.84 -29.37 10.14
C GLY A 191 -16.72 -28.54 9.55
N ALA A 192 -17.10 -27.48 8.84
CA ALA A 192 -16.18 -26.60 8.13
C ALA A 192 -16.35 -25.16 8.60
N LEU A 193 -15.45 -24.31 8.13
CA LEU A 193 -15.54 -22.88 8.32
C LEU A 193 -16.16 -22.24 7.08
N LEU A 194 -16.71 -21.05 7.28
CA LEU A 194 -17.40 -20.32 6.21
C LEU A 194 -16.78 -18.94 6.09
N LEU A 195 -15.98 -18.74 5.06
CA LEU A 195 -15.45 -17.43 4.73
C LEU A 195 -16.40 -16.73 3.77
N GLY A 196 -16.90 -15.56 4.18
CA GLY A 196 -17.66 -14.72 3.27
C GLY A 196 -16.81 -13.68 2.60
N ASP A 197 -16.57 -13.82 1.30
CA ASP A 197 -15.79 -12.85 0.55
C ASP A 197 -16.79 -11.94 -0.17
N ILE A 198 -17.14 -10.84 0.49
CA ILE A 198 -18.12 -9.91 -0.03
C ILE A 198 -17.46 -8.77 -0.81
N ALA A 199 -16.23 -8.98 -1.27
CA ALA A 199 -15.45 -7.92 -1.90
C ALA A 199 -16.15 -7.33 -3.11
N HIS A 200 -17.05 -8.07 -3.73
CA HIS A 200 -17.69 -7.62 -4.96
C HIS A 200 -19.08 -7.02 -4.74
N VAL A 201 -19.69 -7.24 -3.58
CA VAL A 201 -21.04 -6.72 -3.33
C VAL A 201 -21.08 -5.98 -1.99
N ALA A 202 -19.91 -5.65 -1.45
CA ALA A 202 -19.85 -5.02 -0.13
C ALA A 202 -20.68 -3.74 -0.08
N GLY A 203 -20.76 -3.01 -1.17
CA GLY A 203 -21.63 -1.84 -1.21
C GLY A 203 -23.09 -2.20 -1.00
N LEU A 204 -23.52 -3.33 -1.58
CA LEU A 204 -24.90 -3.79 -1.45
C LEU A 204 -25.13 -4.48 -0.11
N VAL A 205 -24.13 -5.21 0.40
CA VAL A 205 -24.24 -5.84 1.70
C VAL A 205 -24.38 -4.79 2.79
N VAL A 206 -23.50 -3.79 2.77
CA VAL A 206 -23.42 -2.78 3.81
C VAL A 206 -24.71 -1.98 3.98
N THR A 207 -25.55 -1.89 2.96
CA THR A 207 -26.72 -1.03 3.04
C THR A 207 -28.03 -1.82 3.04
N GLY A 208 -27.96 -3.12 3.32
CA GLY A 208 -29.16 -3.93 3.33
C GLY A 208 -29.70 -4.29 1.97
N GLU A 209 -29.01 -3.92 0.89
CA GLU A 209 -29.42 -4.28 -0.46
C GLU A 209 -28.84 -5.61 -0.89
N HIS A 210 -28.46 -6.46 0.06
CA HIS A 210 -27.88 -7.77 -0.18
C HIS A 210 -27.86 -8.50 1.16
N ALA A 211 -28.12 -9.81 1.11
CA ALA A 211 -28.12 -10.61 2.32
C ALA A 211 -26.85 -10.35 3.12
N HIS A 212 -26.99 -10.13 4.42
CA HIS A 212 -25.84 -9.90 5.25
C HIS A 212 -25.10 -11.21 5.50
N PRO A 213 -23.77 -11.21 5.54
CA PRO A 213 -23.03 -12.45 5.81
C PRO A 213 -23.05 -12.87 7.26
N PHE A 214 -23.27 -11.94 8.19
CA PHE A 214 -23.35 -12.29 9.59
C PHE A 214 -24.80 -12.52 10.02
N PRO A 215 -25.02 -13.40 11.00
CA PRO A 215 -23.97 -14.13 11.74
C PRO A 215 -23.57 -15.46 11.11
N HIS A 216 -24.01 -15.70 9.86
CA HIS A 216 -23.80 -17.01 9.23
C HIS A 216 -22.33 -17.29 8.97
N CYS A 217 -21.52 -16.26 8.71
CA CYS A 217 -20.13 -16.44 8.34
C CYS A 217 -19.24 -16.34 9.57
N HIS A 218 -18.26 -17.23 9.66
CA HIS A 218 -17.26 -17.10 10.73
C HIS A 218 -16.34 -15.92 10.47
N VAL A 219 -15.96 -15.72 9.22
CA VAL A 219 -15.08 -14.63 8.82
C VAL A 219 -15.63 -13.96 7.57
N VAL A 220 -15.39 -12.67 7.45
CA VAL A 220 -15.69 -11.92 6.23
C VAL A 220 -14.44 -11.17 5.79
N SER A 221 -14.07 -11.32 4.53
CA SER A 221 -13.06 -10.49 3.89
C SER A 221 -13.73 -9.61 2.84
N SER A 222 -13.11 -8.47 2.54
CA SER A 222 -13.65 -7.57 1.52
C SER A 222 -12.60 -6.54 1.13
N THR A 223 -12.76 -6.00 -0.07
CA THR A 223 -12.00 -4.83 -0.51
C THR A 223 -12.75 -3.55 -0.11
N THR A 224 -12.00 -2.50 0.20
CA THR A 224 -12.58 -1.23 0.58
C THR A 224 -12.82 -0.28 -0.60
N HIS A 225 -12.31 -0.61 -1.79
CA HIS A 225 -12.71 0.16 -2.97
C HIS A 225 -13.90 -0.53 -3.62
N LYS A 226 -13.98 -0.48 -4.96
CA LYS A 226 -15.07 -1.10 -5.72
C LYS A 226 -16.39 -0.48 -5.31
N THR A 227 -17.37 -1.25 -4.81
CA THR A 227 -18.70 -0.71 -4.53
C THR A 227 -18.72 0.22 -3.33
N LEU A 228 -17.75 0.12 -2.42
CA LEU A 228 -17.70 1.00 -1.26
C LEU A 228 -17.01 2.33 -1.54
N ARG A 229 -16.33 2.46 -2.69
CA ARG A 229 -15.76 3.72 -3.16
C ARG A 229 -14.77 4.31 -2.17
N GLY A 230 -14.14 3.46 -1.36
CA GLY A 230 -13.11 3.91 -0.48
C GLY A 230 -11.75 3.86 -1.13
N PRO A 231 -10.70 3.92 -0.34
CA PRO A 231 -9.36 3.71 -0.89
C PRO A 231 -9.18 2.26 -1.31
N ARG A 232 -7.99 1.93 -1.83
CA ARG A 232 -7.73 0.56 -2.22
C ARG A 232 -7.05 -0.16 -1.07
N GLY A 233 -7.68 -1.23 -0.61
CA GLY A 233 -7.18 -2.03 0.48
C GLY A 233 -8.16 -3.16 0.78
N GLY A 234 -7.85 -3.91 1.84
CA GLY A 234 -8.69 -5.00 2.30
C GLY A 234 -9.19 -4.73 3.71
N ILE A 235 -10.13 -5.56 4.14
CA ILE A 235 -10.66 -5.50 5.50
C ILE A 235 -11.10 -6.89 5.90
N ILE A 236 -10.90 -7.22 7.18
CA ILE A 236 -11.26 -8.52 7.74
C ILE A 236 -12.22 -8.28 8.88
N LEU A 237 -13.32 -9.04 8.91
CA LEU A 237 -14.30 -8.89 9.95
C LEU A 237 -14.73 -10.26 10.48
N THR A 238 -15.05 -10.31 11.76
CA THR A 238 -15.50 -11.54 12.41
C THR A 238 -16.16 -11.19 13.72
N ASN A 239 -17.06 -12.07 14.18
CA ASN A 239 -17.74 -11.90 15.45
C ASN A 239 -17.13 -12.74 16.55
N ASP A 240 -16.09 -13.50 16.25
CA ASP A 240 -15.46 -14.41 17.19
C ASP A 240 -14.13 -13.80 17.65
N GLU A 241 -13.94 -13.74 18.97
CA GLU A 241 -12.75 -13.09 19.51
C GLU A 241 -11.48 -13.88 19.22
N GLU A 242 -11.56 -15.21 19.22
CA GLU A 242 -10.36 -16.02 18.96
C GLU A 242 -9.89 -15.85 17.52
N ILE A 243 -10.83 -15.83 16.56
CA ILE A 243 -10.44 -15.63 15.16
C ILE A 243 -9.83 -14.25 14.97
N ALA A 244 -10.39 -13.24 15.63
CA ALA A 244 -9.85 -11.88 15.52
C ALA A 244 -8.42 -11.81 16.01
N ALA A 245 -8.11 -12.55 17.09
CA ALA A 245 -6.74 -12.56 17.60
C ALA A 245 -5.76 -13.17 16.61
N LYS A 246 -6.13 -14.29 15.96
CA LYS A 246 -5.24 -14.90 14.98
C LYS A 246 -5.10 -14.03 13.74
N ILE A 247 -6.17 -13.36 13.32
CA ILE A 247 -6.09 -12.48 12.15
C ILE A 247 -5.11 -11.35 12.40
N ASP A 248 -5.07 -10.85 13.64
CA ASP A 248 -4.13 -9.78 13.96
C ASP A 248 -2.67 -10.23 13.83
N LYS A 249 -2.38 -11.48 14.24
CA LYS A 249 -1.00 -11.98 14.12
C LYS A 249 -0.67 -12.43 12.70
N ALA A 250 -1.67 -12.85 11.93
CA ALA A 250 -1.42 -13.27 10.55
C ALA A 250 -1.10 -12.08 9.65
N ILE A 251 -1.85 -10.99 9.82
CA ILE A 251 -1.54 -9.77 9.08
C ILE A 251 -0.14 -9.27 9.44
N PHE A 252 0.30 -9.51 10.69
CA PHE A 252 1.55 -9.12 11.34
C PHE A 252 2.13 -7.81 10.79
N PRO A 253 3.08 -7.77 9.79
CA PRO A 253 3.76 -6.49 9.58
C PRO A 253 3.11 -5.57 8.55
N GLY A 254 2.66 -6.12 7.43
CA GLY A 254 2.60 -5.34 6.22
C GLY A 254 3.97 -5.08 5.63
N THR A 255 4.99 -5.76 6.16
CA THR A 255 6.40 -5.53 5.90
C THR A 255 6.74 -4.05 5.84
N GLN A 256 6.64 -3.36 6.98
CA GLN A 256 7.00 -1.96 7.13
C GLN A 256 6.92 -1.59 8.60
N GLY A 257 7.93 -0.85 9.07
CA GLY A 257 7.86 -0.28 10.40
C GLY A 257 6.78 0.76 10.56
N GLY A 258 6.18 1.19 9.44
CA GLY A 258 5.13 2.18 9.51
C GLY A 258 3.80 1.64 9.04
N PRO A 259 2.80 1.71 9.90
CA PRO A 259 1.42 1.58 9.44
C PRO A 259 1.03 2.84 8.69
N LEU A 260 0.55 2.68 7.46
CA LEU A 260 0.31 3.83 6.59
C LEU A 260 -0.98 4.53 7.02
N MET A 261 -0.81 5.61 7.80
CA MET A 261 -1.92 6.24 8.51
C MET A 261 -2.87 6.95 7.55
N HIS A 262 -2.33 7.55 6.49
CA HIS A 262 -3.18 8.26 5.53
C HIS A 262 -4.13 7.30 4.83
N VAL A 263 -3.66 6.08 4.57
CA VAL A 263 -4.54 5.08 3.94
C VAL A 263 -5.60 4.61 4.92
N ILE A 264 -5.23 4.46 6.21
CA ILE A 264 -6.19 4.02 7.21
C ILE A 264 -7.21 5.12 7.50
N ALA A 265 -6.75 6.37 7.64
CA ALA A 265 -7.69 7.48 7.78
C ALA A 265 -8.59 7.57 6.56
N ALA A 266 -8.05 7.31 5.37
CA ALA A 266 -8.90 7.25 4.19
C ALA A 266 -9.92 6.13 4.32
N LYS A 267 -9.54 5.01 4.96
CA LYS A 267 -10.47 3.91 5.15
C LYS A 267 -11.61 4.32 6.06
N ALA A 268 -11.29 5.01 7.16
CA ALA A 268 -12.34 5.47 8.06
C ALA A 268 -13.23 6.51 7.38
N VAL A 269 -12.63 7.39 6.58
CA VAL A 269 -13.42 8.37 5.83
C VAL A 269 -14.40 7.65 4.90
N GLY A 270 -13.92 6.60 4.23
CA GLY A 270 -14.80 5.83 3.36
C GLY A 270 -15.89 5.11 4.13
N PHE A 271 -15.64 4.77 5.39
CA PHE A 271 -16.65 4.05 6.14
C PHE A 271 -17.77 4.97 6.60
N LYS A 272 -17.43 6.21 6.95
CA LYS A 272 -18.46 7.16 7.37
C LYS A 272 -19.37 7.54 6.22
N GLU A 273 -18.81 7.67 5.02
CA GLU A 273 -19.63 7.92 3.84
C GLU A 273 -20.54 6.74 3.52
N ASN A 274 -20.11 5.52 3.87
CA ASN A 274 -20.91 4.34 3.61
C ASN A 274 -22.08 4.24 4.59
N LEU A 275 -21.91 4.81 5.80
CA LEU A 275 -22.95 4.75 6.82
C LEU A 275 -24.07 5.76 6.56
N LYS A 276 -23.76 6.86 5.86
CA LYS A 276 -24.78 7.84 5.53
C LYS A 276 -25.94 7.18 4.80
N PRO A 277 -27.20 7.57 5.07
CA PRO A 277 -28.33 7.00 4.33
C PRO A 277 -28.34 7.38 2.85
N GLU A 278 -27.57 8.41 2.46
CA GLU A 278 -27.39 8.72 1.04
C GLU A 278 -26.75 7.55 0.30
N PHE A 279 -25.81 6.86 0.96
CA PHE A 279 -25.16 5.70 0.36
C PHE A 279 -26.16 4.57 0.09
N LYS A 280 -27.09 4.34 1.02
CA LYS A 280 -28.12 3.33 0.79
C LYS A 280 -28.92 3.63 -0.48
N ALA A 281 -29.20 4.91 -0.75
CA ALA A 281 -29.85 5.26 -2.01
C ALA A 281 -28.96 4.96 -3.20
N TYR A 282 -27.66 5.28 -3.08
CA TYR A 282 -26.70 4.94 -4.12
C TYR A 282 -26.74 3.45 -4.43
N ALA A 283 -26.83 2.62 -3.37
CA ALA A 283 -26.81 1.17 -3.57
C ALA A 283 -28.02 0.70 -4.37
N GLN A 284 -29.22 1.17 -4.03
CA GLN A 284 -30.38 0.77 -4.81
C GLN A 284 -30.37 1.43 -6.19
N LEU A 285 -29.77 2.62 -6.31
CA LEU A 285 -29.54 3.19 -7.63
C LEU A 285 -28.70 2.24 -8.49
N VAL A 286 -27.65 1.67 -7.91
CA VAL A 286 -26.80 0.73 -8.64
C VAL A 286 -27.60 -0.49 -9.07
N LYS A 287 -28.48 -1.01 -8.21
CA LYS A 287 -29.25 -2.20 -8.57
C LYS A 287 -30.37 -1.90 -9.54
N SER A 288 -31.08 -0.77 -9.37
CA SER A 288 -32.18 -0.46 -10.28
C SER A 288 -31.66 -0.10 -11.67
N ASN A 289 -30.52 0.59 -11.75
CA ASN A 289 -29.90 0.82 -13.05
C ASN A 289 -29.59 -0.50 -13.74
N MET A 290 -29.01 -1.44 -13.00
CA MET A 290 -28.79 -2.79 -13.53
C MET A 290 -30.10 -3.40 -14.00
N GLN A 291 -31.18 -3.20 -13.25
CA GLN A 291 -32.48 -3.71 -13.67
C GLN A 291 -32.93 -3.09 -14.98
N VAL A 292 -32.68 -1.79 -15.15
CA VAL A 292 -33.02 -1.12 -16.40
C VAL A 292 -32.15 -1.64 -17.54
N LEU A 293 -30.86 -1.82 -17.30
CA LEU A 293 -29.95 -2.28 -18.34
C LEU A 293 -30.30 -3.70 -18.78
N ALA A 294 -30.56 -4.58 -17.81
CA ALA A 294 -30.91 -5.95 -18.13
C ALA A 294 -32.22 -6.02 -18.90
N LYS A 295 -33.25 -5.30 -18.42
CA LYS A 295 -34.51 -5.26 -19.13
C LYS A 295 -34.34 -4.78 -20.57
N ALA A 296 -33.55 -3.72 -20.75
CA ALA A 296 -33.36 -3.16 -22.09
C ALA A 296 -32.64 -4.13 -23.01
N LEU A 297 -31.76 -4.96 -22.46
CA LEU A 297 -31.06 -5.92 -23.30
C LEU A 297 -31.97 -7.07 -23.74
N LYS A 298 -32.79 -7.60 -22.82
CA LYS A 298 -33.66 -8.73 -23.19
C LYS A 298 -34.77 -8.32 -24.16
N GLU A 299 -35.32 -7.11 -23.99
CA GLU A 299 -36.35 -6.66 -24.92
C GLU A 299 -35.86 -6.69 -26.36
N LYS A 300 -34.55 -6.63 -26.58
CA LYS A 300 -33.94 -6.86 -27.87
C LYS A 300 -33.39 -8.28 -28.00
N ASN A 301 -33.76 -9.17 -27.07
CA ASN A 301 -33.53 -10.61 -27.16
C ASN A 301 -32.05 -10.97 -27.10
N HIS A 302 -31.36 -10.42 -26.11
CA HIS A 302 -30.05 -10.89 -25.70
C HIS A 302 -30.18 -11.82 -24.50
N LYS A 303 -29.21 -12.71 -24.34
CA LYS A 303 -29.28 -13.75 -23.33
C LYS A 303 -28.31 -13.43 -22.20
N LEU A 304 -28.84 -13.38 -20.97
CA LEU A 304 -28.05 -13.14 -19.78
C LEU A 304 -27.98 -14.42 -18.97
N VAL A 305 -26.80 -14.67 -18.37
CA VAL A 305 -26.66 -15.83 -17.49
C VAL A 305 -27.58 -15.63 -16.30
N SER A 306 -28.35 -16.69 -15.98
CA SER A 306 -29.38 -16.71 -14.95
C SER A 306 -30.59 -15.86 -15.30
N GLY A 307 -30.69 -15.40 -16.55
CA GLY A 307 -31.88 -14.71 -17.02
C GLY A 307 -32.06 -13.29 -16.52
N GLY A 308 -31.08 -12.74 -15.82
CA GLY A 308 -31.20 -11.39 -15.28
C GLY A 308 -30.12 -11.13 -14.24
N THR A 309 -30.49 -10.34 -13.24
CA THR A 309 -29.55 -9.97 -12.19
C THR A 309 -30.30 -9.51 -10.95
N SER A 310 -29.69 -9.80 -9.79
CA SER A 310 -30.07 -9.19 -8.52
C SER A 310 -28.92 -8.37 -7.95
N ASN A 311 -27.95 -8.01 -8.80
CA ASN A 311 -26.64 -7.56 -8.38
C ASN A 311 -26.31 -6.14 -8.79
N HIS A 312 -25.01 -5.85 -8.80
CA HIS A 312 -24.41 -4.69 -9.42
C HIS A 312 -23.90 -5.01 -10.82
N LEU A 313 -24.17 -6.22 -11.32
CA LEU A 313 -23.61 -6.63 -12.58
C LEU A 313 -24.55 -7.60 -13.27
N LEU A 314 -24.39 -7.74 -14.58
CA LEU A 314 -24.97 -8.83 -15.33
C LEU A 314 -23.88 -9.48 -16.20
N LEU A 315 -24.16 -10.71 -16.63
CA LEU A 315 -23.27 -11.46 -17.51
C LEU A 315 -24.03 -11.79 -18.79
N MET A 316 -23.66 -11.15 -19.89
CA MET A 316 -24.24 -11.53 -21.16
C MET A 316 -23.77 -12.94 -21.55
N ASP A 317 -24.53 -13.57 -22.45
CA ASP A 317 -24.29 -14.95 -22.85
C ASP A 317 -24.25 -14.99 -24.37
N PHE A 318 -23.12 -15.45 -24.92
CA PHE A 318 -22.91 -15.51 -26.37
C PHE A 318 -22.63 -16.93 -26.86
N LEU A 319 -23.07 -17.95 -26.12
CA LEU A 319 -22.83 -19.33 -26.55
C LEU A 319 -23.50 -19.63 -27.88
N ASP A 320 -24.66 -19.05 -28.13
CA ASP A 320 -25.40 -19.35 -29.36
C ASP A 320 -25.49 -18.11 -30.23
N LYS A 321 -24.35 -17.46 -30.46
CA LYS A 321 -24.22 -16.25 -31.26
C LYS A 321 -22.97 -16.37 -32.12
N PRO A 322 -22.91 -15.68 -33.27
CA PRO A 322 -21.76 -15.82 -34.16
C PRO A 322 -20.48 -15.24 -33.58
N TYR A 323 -20.59 -14.16 -32.80
CA TYR A 323 -19.43 -13.49 -32.24
C TYR A 323 -19.08 -14.03 -30.86
N SER A 324 -17.88 -13.72 -30.41
CA SER A 324 -17.35 -14.20 -29.15
C SER A 324 -17.47 -13.15 -28.06
N GLY A 325 -17.14 -13.56 -26.83
CA GLY A 325 -17.04 -12.61 -25.74
C GLY A 325 -15.88 -11.66 -25.91
N LYS A 326 -14.78 -12.15 -26.49
CA LYS A 326 -13.68 -11.30 -26.93
C LYS A 326 -14.17 -10.25 -27.91
N ASP A 327 -14.88 -10.71 -28.96
CA ASP A 327 -15.35 -9.84 -30.02
C ASP A 327 -16.15 -8.66 -29.49
N ALA A 328 -17.05 -8.92 -28.54
CA ALA A 328 -17.93 -7.86 -28.05
C ALA A 328 -17.18 -6.88 -27.17
N ASP A 329 -16.22 -7.37 -26.37
CA ASP A 329 -15.41 -6.48 -25.55
C ASP A 329 -14.66 -5.47 -26.40
N ILE A 330 -14.05 -5.93 -27.49
CA ILE A 330 -13.29 -5.03 -28.37
C ILE A 330 -14.23 -4.05 -29.05
N ALA A 331 -15.34 -4.54 -29.58
CA ALA A 331 -16.28 -3.68 -30.29
C ALA A 331 -16.80 -2.58 -29.39
N LEU A 332 -17.26 -2.94 -28.19
CA LEU A 332 -17.83 -1.96 -27.27
C LEU A 332 -16.80 -0.97 -26.73
N GLY A 333 -15.53 -1.37 -26.62
CA GLY A 333 -14.50 -0.41 -26.27
C GLY A 333 -14.30 0.60 -27.37
N ASN A 334 -14.38 0.16 -28.63
CA ASN A 334 -14.33 1.07 -29.77
C ASN A 334 -15.41 2.15 -29.66
N ALA A 335 -16.52 1.85 -28.99
CA ALA A 335 -17.60 2.80 -28.74
C ALA A 335 -17.42 3.58 -27.44
N GLY A 336 -16.31 3.38 -26.73
CA GLY A 336 -16.11 4.05 -25.47
C GLY A 336 -16.83 3.45 -24.30
N ILE A 337 -17.25 2.19 -24.41
CA ILE A 337 -17.88 1.46 -23.31
C ILE A 337 -16.89 0.40 -22.84
N THR A 338 -16.37 0.58 -21.63
CA THR A 338 -15.35 -0.32 -21.09
C THR A 338 -16.06 -1.46 -20.36
N VAL A 339 -16.02 -2.66 -20.92
CA VAL A 339 -16.57 -3.83 -20.26
C VAL A 339 -15.47 -4.87 -20.07
N ASN A 340 -15.86 -6.14 -19.95
CA ASN A 340 -15.03 -7.18 -19.36
C ASN A 340 -15.43 -8.51 -19.96
N LYS A 341 -14.52 -9.15 -20.69
CA LYS A 341 -14.80 -10.49 -21.18
C LYS A 341 -14.68 -11.49 -20.03
N ASN A 342 -15.56 -12.49 -20.04
CA ASN A 342 -15.71 -13.39 -18.91
C ASN A 342 -16.24 -14.72 -19.41
N THR A 343 -15.67 -15.82 -18.91
CA THR A 343 -16.23 -17.12 -19.24
C THR A 343 -17.58 -17.28 -18.54
N ILE A 344 -18.41 -18.16 -19.09
CA ILE A 344 -19.77 -18.35 -18.60
C ILE A 344 -20.07 -19.84 -18.46
N PRO A 345 -21.17 -20.23 -17.82
CA PRO A 345 -21.47 -21.66 -17.66
C PRO A 345 -21.76 -22.33 -18.99
N GLY A 346 -21.05 -23.42 -19.25
CA GLY A 346 -21.15 -24.11 -20.52
C GLY A 346 -20.17 -23.60 -21.56
N GLU A 347 -18.99 -23.16 -21.13
CA GLU A 347 -18.10 -22.41 -21.99
C GLU A 347 -17.63 -23.26 -23.17
N THR A 348 -17.92 -22.78 -24.39
CA THR A 348 -17.48 -23.47 -25.60
C THR A 348 -16.06 -23.06 -25.98
N ARG A 349 -15.71 -21.79 -25.84
CA ARG A 349 -14.50 -21.23 -26.41
C ARG A 349 -13.38 -21.22 -25.37
N SER A 350 -12.20 -20.78 -25.82
CA SER A 350 -11.01 -20.73 -24.99
C SER A 350 -11.15 -19.70 -23.89
N PRO A 351 -10.40 -19.84 -22.80
CA PRO A 351 -10.49 -18.86 -21.70
C PRO A 351 -10.04 -17.46 -22.10
N PHE A 352 -9.37 -17.27 -23.23
CA PHE A 352 -8.86 -15.96 -23.60
C PHE A 352 -9.63 -15.34 -24.77
N VAL A 353 -10.79 -15.90 -25.11
CA VAL A 353 -11.79 -15.20 -25.91
C VAL A 353 -13.17 -15.26 -25.24
N THR A 354 -13.51 -16.40 -24.62
CA THR A 354 -14.71 -16.60 -23.81
C THR A 354 -16.01 -16.44 -24.60
N SER A 355 -17.14 -16.70 -23.94
CA SER A 355 -18.45 -16.63 -24.57
C SER A 355 -19.38 -15.65 -23.86
N GLY A 356 -18.85 -14.73 -23.07
CA GLY A 356 -19.68 -13.76 -22.39
C GLY A 356 -18.90 -12.48 -22.09
N ILE A 357 -19.63 -11.51 -21.53
CA ILE A 357 -19.03 -10.28 -21.04
C ILE A 357 -19.73 -9.92 -19.73
N ARG A 358 -19.08 -9.08 -18.95
CA ARG A 358 -19.52 -8.77 -17.60
C ARG A 358 -19.58 -7.25 -17.44
N ILE A 359 -20.80 -6.72 -17.29
CA ILE A 359 -21.07 -5.28 -17.32
C ILE A 359 -21.47 -4.81 -15.92
N GLY A 360 -20.92 -3.67 -15.51
CA GLY A 360 -21.15 -3.14 -14.18
C GLY A 360 -21.85 -1.79 -14.18
N SER A 361 -22.67 -1.57 -13.16
CA SER A 361 -23.45 -0.35 -13.01
C SER A 361 -22.85 0.63 -12.02
N ALA A 362 -21.96 0.18 -11.13
CA ALA A 362 -21.61 0.99 -9.97
C ALA A 362 -20.83 2.24 -10.33
N ALA A 363 -20.10 2.22 -11.46
CA ALA A 363 -19.30 3.38 -11.84
C ALA A 363 -20.18 4.51 -12.36
N LEU A 364 -21.09 4.20 -13.30
CA LEU A 364 -21.98 5.23 -13.82
C LEU A 364 -22.94 5.74 -12.75
N SER A 365 -23.36 4.89 -11.81
CA SER A 365 -24.29 5.33 -10.79
C SER A 365 -23.65 6.29 -9.80
N ALA A 366 -22.34 6.18 -9.60
CA ALA A 366 -21.65 7.18 -8.80
C ALA A 366 -21.55 8.51 -9.53
N ARG A 367 -21.66 8.49 -10.86
CA ARG A 367 -21.70 9.74 -11.62
C ARG A 367 -23.02 10.48 -11.43
N GLY A 368 -24.04 9.79 -10.95
CA GLY A 368 -25.37 10.35 -10.89
C GLY A 368 -26.26 10.01 -12.06
N MET A 369 -25.84 9.09 -12.92
CA MET A 369 -26.63 8.69 -14.07
C MET A 369 -27.75 7.76 -13.63
N GLY A 370 -28.97 8.07 -14.06
CA GLY A 370 -30.15 7.34 -13.63
C GLY A 370 -30.76 6.44 -14.69
N ALA A 371 -32.08 6.24 -14.62
CA ALA A 371 -32.73 5.23 -15.44
C ALA A 371 -32.72 5.61 -16.92
N LYS A 372 -32.92 6.89 -17.23
CA LYS A 372 -32.98 7.31 -18.63
C LYS A 372 -31.68 6.99 -19.37
N GLU A 373 -30.54 7.30 -18.74
CA GLU A 373 -29.27 7.02 -19.38
C GLU A 373 -29.05 5.51 -19.59
N PHE A 374 -29.19 4.72 -18.52
CA PHE A 374 -28.94 3.28 -18.63
C PHE A 374 -29.87 2.58 -19.62
N GLU A 375 -31.01 3.18 -19.99
CA GLU A 375 -31.81 2.55 -21.03
C GLU A 375 -31.26 2.89 -22.42
N ILE A 376 -30.94 4.16 -22.63
CA ILE A 376 -30.19 4.55 -23.83
C ILE A 376 -28.89 3.76 -23.92
N ILE A 377 -28.15 3.66 -22.81
CA ILE A 377 -26.97 2.81 -22.77
C ILE A 377 -27.35 1.39 -23.21
N GLY A 378 -28.50 0.91 -22.74
CA GLY A 378 -28.86 -0.48 -22.96
C GLY A 378 -29.13 -0.81 -24.42
N ASN A 379 -29.81 0.11 -25.13
CA ASN A 379 -30.06 -0.12 -26.55
C ASN A 379 -28.81 0.13 -27.38
N LYS A 380 -28.03 1.16 -27.05
CA LYS A 380 -26.78 1.39 -27.76
C LYS A 380 -25.87 0.17 -27.67
N ILE A 381 -25.86 -0.51 -26.53
CA ILE A 381 -25.18 -1.80 -26.46
C ILE A 381 -25.86 -2.81 -27.38
N SER A 382 -27.18 -3.00 -27.24
CA SER A 382 -27.89 -3.94 -28.10
C SER A 382 -27.65 -3.66 -29.58
N ASP A 383 -27.61 -2.39 -29.98
CA ASP A 383 -27.44 -2.07 -31.40
C ASP A 383 -26.09 -2.54 -31.90
N ILE A 384 -25.05 -2.40 -31.07
CA ILE A 384 -23.71 -2.76 -31.51
C ILE A 384 -23.55 -4.28 -31.62
N LEU A 385 -24.10 -5.03 -30.66
CA LEU A 385 -23.94 -6.49 -30.76
C LEU A 385 -24.91 -7.14 -31.74
N ASN A 386 -26.02 -6.49 -32.08
CA ASN A 386 -26.84 -7.00 -33.17
C ASN A 386 -26.19 -6.78 -34.53
N ASP A 387 -25.09 -6.00 -34.58
CA ASP A 387 -24.34 -5.64 -35.77
C ASP A 387 -22.87 -5.48 -35.35
N ILE A 388 -22.24 -6.61 -35.03
CA ILE A 388 -20.95 -6.59 -34.33
C ILE A 388 -19.83 -6.02 -35.19
N ASN A 389 -19.99 -5.98 -36.51
CA ASN A 389 -18.94 -5.54 -37.42
C ASN A 389 -19.26 -4.22 -38.10
N ASN A 390 -20.09 -3.38 -37.48
CA ASN A 390 -20.43 -2.07 -38.03
C ASN A 390 -19.57 -1.04 -37.30
N VAL A 391 -18.37 -0.79 -37.83
CA VAL A 391 -17.43 0.12 -37.20
C VAL A 391 -17.98 1.55 -37.16
N SER A 392 -18.69 1.97 -38.20
CA SER A 392 -19.26 3.32 -38.20
C SER A 392 -20.36 3.47 -37.17
N LEU A 393 -21.15 2.42 -36.94
CA LEU A 393 -22.14 2.44 -35.87
C LEU A 393 -21.47 2.57 -34.51
N GLN A 394 -20.44 1.76 -34.26
CA GLN A 394 -19.70 1.88 -33.01
C GLN A 394 -19.18 3.29 -32.80
N LEU A 395 -18.76 3.94 -33.90
CA LEU A 395 -18.23 5.30 -33.78
C LEU A 395 -19.31 6.34 -33.61
N HIS A 396 -20.48 6.15 -34.24
CA HIS A 396 -21.57 7.08 -33.99
C HIS A 396 -21.96 7.08 -32.52
N VAL A 397 -22.15 5.88 -31.96
CA VAL A 397 -22.61 5.82 -30.57
C VAL A 397 -21.51 6.26 -29.62
N LYS A 398 -20.24 6.16 -30.02
CA LYS A 398 -19.17 6.65 -29.16
C LYS A 398 -19.31 8.16 -28.94
N GLU A 399 -19.56 8.91 -30.01
CA GLU A 399 -19.72 10.36 -29.85
C GLU A 399 -21.05 10.68 -29.16
N GLU A 400 -22.10 9.93 -29.49
CA GLU A 400 -23.39 10.13 -28.84
C GLU A 400 -23.29 9.89 -27.33
N LEU A 401 -22.44 8.94 -26.91
CA LEU A 401 -22.29 8.62 -25.49
C LEU A 401 -21.26 9.50 -24.79
N LYS A 402 -20.28 10.04 -25.51
CA LYS A 402 -19.35 11.00 -24.90
C LYS A 402 -20.07 12.28 -24.53
N ALA A 403 -21.12 12.65 -25.26
CA ALA A 403 -21.90 13.83 -24.93
C ALA A 403 -22.82 13.60 -23.74
N MET A 404 -23.27 12.36 -23.55
CA MET A 404 -24.02 12.02 -22.35
C MET A 404 -23.13 12.09 -21.12
N VAL A 405 -22.03 11.33 -21.13
CA VAL A 405 -21.13 11.28 -19.99
C VAL A 405 -20.52 12.64 -19.68
N ASN A 406 -20.46 13.55 -20.67
CA ASN A 406 -20.03 14.91 -20.39
C ASN A 406 -21.07 15.68 -19.57
N GLN A 407 -22.33 15.25 -19.62
CA GLN A 407 -23.38 15.90 -18.84
C GLN A 407 -23.42 15.42 -17.41
N PHE A 408 -22.69 14.34 -17.07
CA PHE A 408 -22.68 13.76 -15.72
C PHE A 408 -21.24 13.70 -15.23
N PRO A 409 -20.67 14.83 -14.82
CA PRO A 409 -19.24 14.84 -14.48
C PRO A 409 -18.97 14.23 -13.12
N VAL A 410 -17.84 13.54 -13.02
CA VAL A 410 -17.27 13.16 -11.74
C VAL A 410 -16.38 14.29 -11.26
N TYR A 411 -16.53 14.66 -9.99
CA TYR A 411 -15.74 15.72 -9.37
C TYR A 411 -15.95 17.07 -10.08
N TYR B 3 -11.90 22.06 1.26
CA TYR B 3 -11.78 20.80 1.98
C TYR B 3 -13.15 20.20 2.32
N PHE B 4 -13.50 19.12 1.63
CA PHE B 4 -14.71 18.37 1.97
C PHE B 4 -14.65 17.85 3.40
N LEU B 5 -13.48 17.40 3.84
CA LEU B 5 -13.39 16.69 5.11
C LEU B 5 -13.86 17.55 6.28
N GLU B 6 -13.58 18.86 6.22
CA GLU B 6 -14.10 19.75 7.26
C GLU B 6 -15.63 19.64 7.36
N GLN B 7 -16.30 19.65 6.21
CA GLN B 7 -17.75 19.51 6.20
C GLN B 7 -18.18 18.08 6.48
N THR B 8 -17.76 17.13 5.63
CA THR B 8 -18.31 15.79 5.64
C THR B 8 -17.83 14.91 6.79
N ASP B 9 -16.66 15.21 7.39
CA ASP B 9 -16.11 14.30 8.41
C ASP B 9 -15.15 15.10 9.30
N SER B 10 -15.71 15.81 10.28
CA SER B 10 -14.89 16.63 11.15
C SER B 10 -14.11 15.85 12.19
N GLU B 11 -14.46 14.57 12.44
CA GLU B 11 -13.67 13.77 13.37
C GLU B 11 -12.33 13.37 12.78
N ILE B 12 -12.35 12.88 11.53
CA ILE B 12 -11.10 12.56 10.85
C ILE B 12 -10.28 13.84 10.63
N PHE B 13 -10.92 14.90 10.11
CA PHE B 13 -10.19 16.15 9.90
C PHE B 13 -9.58 16.64 11.20
N GLU B 14 -10.28 16.46 12.32
N GLU B 14 -10.29 16.46 12.31
CA GLU B 14 -9.70 16.80 13.62
CA GLU B 14 -9.73 16.78 13.62
C GLU B 14 -8.38 16.08 13.84
C GLU B 14 -8.39 16.08 13.83
N LEU B 15 -8.30 14.81 13.41
CA LEU B 15 -7.07 14.04 13.58
C LEU B 15 -6.01 14.43 12.57
N ILE B 16 -6.41 14.82 11.36
CA ILE B 16 -5.45 15.26 10.35
C ILE B 16 -4.82 16.58 10.76
N PHE B 17 -5.65 17.55 11.16
CA PHE B 17 -5.14 18.84 11.61
C PHE B 17 -4.36 18.71 12.91
N GLU B 18 -4.64 17.69 13.70
CA GLU B 18 -3.90 17.44 14.94
C GLU B 18 -2.49 16.98 14.65
N GLU B 19 -2.35 16.06 13.69
CA GLU B 19 -1.02 15.59 13.30
C GLU B 19 -0.18 16.71 12.69
N TYR B 20 -0.80 17.55 11.86
CA TYR B 20 -0.09 18.66 11.22
C TYR B 20 0.33 19.71 12.25
N LYS B 21 -0.55 20.02 13.21
CA LYS B 21 -0.18 20.94 14.27
C LYS B 21 0.94 20.38 15.11
N ARG B 22 1.00 19.05 15.28
CA ARG B 22 2.03 18.46 16.12
C ARG B 22 3.39 18.47 15.43
N GLN B 23 3.41 18.27 14.11
CA GLN B 23 4.68 18.27 13.38
C GLN B 23 5.43 19.58 13.55
N ASN B 24 4.73 20.64 13.95
CA ASN B 24 5.33 21.95 14.19
C ASN B 24 5.38 22.30 15.68
N GLU B 25 5.05 21.35 16.56
CA GLU B 25 5.02 21.58 18.00
C GLU B 25 6.18 20.92 18.73
N HIS B 26 6.85 19.94 18.12
CA HIS B 26 8.01 19.29 18.69
C HIS B 26 9.13 19.26 17.67
N LEU B 27 10.35 19.02 18.16
CA LEU B 27 11.51 18.86 17.29
C LEU B 27 11.66 17.38 16.92
N GLU B 28 11.60 17.09 15.63
CA GLU B 28 11.64 15.71 15.15
C GLU B 28 13.08 15.32 14.84
N MET B 29 13.61 14.37 15.62
CA MET B 29 15.00 13.98 15.53
C MET B 29 15.19 12.48 15.32
N ILE B 30 14.13 11.73 15.08
CA ILE B 30 14.31 10.33 14.67
C ILE B 30 14.93 10.32 13.29
N ALA B 31 16.00 9.52 13.13
CA ALA B 31 16.76 9.55 11.88
C ALA B 31 15.90 9.17 10.69
N SER B 32 14.94 8.26 10.89
CA SER B 32 14.14 7.74 9.79
C SER B 32 12.95 8.64 9.43
N GLU B 33 12.63 9.64 10.24
CA GLU B 33 11.45 10.47 9.98
C GLU B 33 11.83 11.71 9.19
N ASN B 34 10.87 12.18 8.39
CA ASN B 34 11.08 13.31 7.51
C ASN B 34 9.74 13.77 6.99
N TYR B 35 9.75 14.91 6.30
CA TYR B 35 8.55 15.56 5.82
C TYR B 35 8.50 15.48 4.29
N THR B 36 7.58 14.66 3.78
CA THR B 36 7.45 14.46 2.34
C THR B 36 7.19 15.79 1.63
N PHE B 37 7.68 15.89 0.39
CA PHE B 37 7.43 17.08 -0.41
C PHE B 37 5.94 17.34 -0.54
N ALA B 38 5.56 18.62 -0.50
CA ALA B 38 4.15 18.97 -0.64
C ALA B 38 3.57 18.51 -1.97
N SER B 39 4.38 18.52 -3.04
CA SER B 39 3.90 18.05 -4.32
C SER B 39 3.67 16.54 -4.33
N VAL B 40 4.53 15.78 -3.64
CA VAL B 40 4.35 14.33 -3.60
C VAL B 40 3.00 13.98 -2.99
N MET B 41 2.61 14.66 -1.90
CA MET B 41 1.29 14.44 -1.32
C MET B 41 0.18 14.85 -2.27
N GLU B 42 0.45 15.82 -3.14
CA GLU B 42 -0.55 16.26 -4.11
C GLU B 42 -0.85 15.14 -5.10
N ALA B 43 0.18 14.42 -5.55
CA ALA B 43 -0.04 13.29 -6.44
C ALA B 43 -0.68 12.11 -5.71
N MET B 44 -0.37 11.95 -4.41
CA MET B 44 -0.96 10.87 -3.63
C MET B 44 -2.47 10.93 -3.64
N GLY B 45 -3.04 12.15 -3.63
CA GLY B 45 -4.48 12.32 -3.64
C GLY B 45 -5.03 12.74 -4.98
N SER B 46 -4.56 12.11 -6.06
CA SER B 46 -5.04 12.36 -7.40
C SER B 46 -6.06 11.31 -7.81
N VAL B 47 -6.73 11.56 -8.94
CA VAL B 47 -7.75 10.65 -9.45
C VAL B 47 -7.07 9.41 -10.00
N LEU B 48 -5.74 9.38 -9.94
CA LEU B 48 -4.97 8.19 -10.30
C LEU B 48 -5.37 6.97 -9.47
N THR B 49 -5.97 7.18 -8.29
CA THR B 49 -6.50 6.06 -7.51
C THR B 49 -7.52 5.25 -8.31
N ASN B 50 -8.39 5.94 -9.06
CA ASN B 50 -9.43 5.26 -9.81
C ASN B 50 -8.86 4.48 -10.99
N LYS B 51 -7.64 4.82 -11.40
CA LYS B 51 -6.96 4.12 -12.49
C LYS B 51 -6.45 2.78 -11.97
N TYR B 52 -7.10 1.70 -12.39
CA TYR B 52 -6.79 0.36 -11.88
C TYR B 52 -5.57 -0.25 -12.54
N ALA B 53 -4.99 0.40 -13.55
CA ALA B 53 -3.79 -0.07 -14.23
C ALA B 53 -3.07 1.08 -14.94
N VAL B 68 3.58 -1.54 -19.79
CA VAL B 68 3.46 -0.79 -18.55
C VAL B 68 3.00 0.64 -18.80
N ASP B 69 2.55 1.29 -17.73
CA ASP B 69 1.90 2.59 -17.82
C ASP B 69 2.92 3.69 -18.13
N LYS B 70 2.44 4.73 -18.81
CA LYS B 70 3.26 5.91 -19.06
C LYS B 70 3.84 6.46 -17.76
N ILE B 71 3.06 6.41 -16.68
CA ILE B 71 3.53 6.95 -15.41
C ILE B 71 4.60 6.05 -14.80
N GLU B 72 4.39 4.73 -14.85
CA GLU B 72 5.42 3.82 -14.34
C GLU B 72 6.72 4.00 -15.10
N SER B 73 6.63 4.20 -16.43
CA SER B 73 7.83 4.43 -17.23
C SER B 73 8.54 5.72 -16.84
N LEU B 74 7.78 6.80 -16.61
CA LEU B 74 8.38 8.07 -16.22
C LEU B 74 9.04 7.96 -14.85
N ALA B 75 8.46 7.17 -13.95
CA ALA B 75 9.09 6.96 -12.65
C ALA B 75 10.40 6.18 -12.77
N ILE B 76 10.42 5.18 -13.65
CA ILE B 76 11.61 4.35 -13.80
C ILE B 76 12.76 5.16 -14.40
N GLU B 77 12.44 6.04 -15.37
CA GLU B 77 13.48 6.82 -16.01
C GLU B 77 14.09 7.84 -15.05
N ARG B 78 13.25 8.52 -14.25
CA ARG B 78 13.78 9.43 -13.25
C ARG B 78 14.58 8.70 -12.19
N ALA B 79 14.22 7.45 -11.89
CA ALA B 79 15.00 6.66 -10.95
C ALA B 79 16.39 6.36 -11.51
N LYS B 80 16.47 6.04 -12.80
CA LYS B 80 17.77 5.74 -13.40
C LYS B 80 18.66 6.97 -13.44
N LYS B 81 18.08 8.15 -13.68
CA LYS B 81 18.89 9.35 -13.76
C LYS B 81 19.24 9.89 -12.38
N LEU B 82 18.37 9.67 -11.38
CA LEU B 82 18.66 10.13 -10.03
C LEU B 82 19.68 9.22 -9.35
N PHE B 83 19.52 7.90 -9.50
CA PHE B 83 20.42 6.94 -8.87
C PHE B 83 21.60 6.57 -9.74
N ASN B 84 21.64 7.03 -11.00
CA ASN B 84 22.73 6.74 -11.93
C ASN B 84 22.94 5.23 -12.07
N CYS B 85 21.89 4.56 -12.53
CA CYS B 85 21.91 3.13 -12.78
C CYS B 85 21.23 2.85 -14.10
N GLN B 86 21.41 1.63 -14.58
CA GLN B 86 20.88 1.24 -15.88
C GLN B 86 19.48 0.65 -15.82
N PHE B 87 19.02 0.24 -14.62
CA PHE B 87 17.70 -0.35 -14.47
C PHE B 87 17.14 0.01 -13.10
N ALA B 88 15.81 0.04 -13.00
CA ALA B 88 15.14 0.32 -11.74
C ALA B 88 13.75 -0.31 -11.74
N ASN B 89 13.33 -0.74 -10.56
CA ASN B 89 11.98 -1.29 -10.37
C ASN B 89 11.32 -0.48 -9.25
N VAL B 90 10.19 0.15 -9.58
CA VAL B 90 9.53 1.08 -8.66
C VAL B 90 8.36 0.45 -7.93
N GLN B 91 8.11 -0.85 -8.10
CA GLN B 91 6.87 -1.46 -7.62
C GLN B 91 6.92 -1.93 -6.17
N ALA B 92 8.06 -1.78 -5.48
CA ALA B 92 8.14 -2.21 -4.10
C ALA B 92 7.38 -1.25 -3.18
N HIS B 93 6.66 -1.81 -2.20
CA HIS B 93 5.84 -1.01 -1.29
C HIS B 93 6.59 -0.60 -0.02
N SER B 94 7.80 -1.09 0.19
CA SER B 94 8.58 -0.72 1.36
C SER B 94 10.03 -1.10 1.13
N GLY B 95 10.92 -0.45 1.88
CA GLY B 95 12.33 -0.83 1.81
C GLY B 95 12.56 -2.28 2.18
N SER B 96 11.76 -2.81 3.10
CA SER B 96 11.92 -4.21 3.51
C SER B 96 11.45 -5.16 2.42
N GLN B 97 10.29 -4.87 1.81
CA GLN B 97 9.80 -5.71 0.73
C GLN B 97 10.68 -5.62 -0.51
N ALA B 98 11.44 -4.52 -0.65
CA ALA B 98 12.42 -4.46 -1.73
C ALA B 98 13.60 -5.39 -1.47
N ASN B 99 14.07 -5.43 -0.22
CA ASN B 99 15.12 -6.39 0.13
C ASN B 99 14.67 -7.82 -0.10
N ASN B 100 13.47 -8.17 0.39
CA ASN B 100 12.99 -9.53 0.24
C ASN B 100 12.77 -9.90 -1.22
N ALA B 101 12.36 -8.93 -2.05
CA ALA B 101 12.22 -9.21 -3.48
C ALA B 101 13.57 -9.50 -4.13
N VAL B 102 14.65 -8.90 -3.62
CA VAL B 102 15.98 -9.21 -4.14
C VAL B 102 16.40 -10.60 -3.72
N TYR B 103 16.18 -10.96 -2.45
CA TYR B 103 16.51 -12.30 -1.97
C TYR B 103 15.74 -13.37 -2.74
N HIS B 104 14.45 -13.15 -2.96
N HIS B 104 14.45 -13.14 -2.96
CA HIS B 104 13.66 -14.20 -3.60
CA HIS B 104 13.60 -14.13 -3.61
C HIS B 104 13.90 -14.30 -5.10
C HIS B 104 13.97 -14.33 -5.07
N ALA B 105 14.52 -13.30 -5.71
CA ALA B 105 14.83 -13.37 -7.14
C ALA B 105 16.17 -14.04 -7.41
N LEU B 106 17.13 -13.90 -6.49
CA LEU B 106 18.49 -14.35 -6.73
C LEU B 106 18.91 -15.57 -5.92
N LEU B 107 18.19 -15.90 -4.86
CA LEU B 107 18.58 -16.94 -3.93
C LEU B 107 17.62 -18.12 -4.05
N LYS B 108 18.17 -19.32 -4.18
CA LYS B 108 17.39 -20.53 -3.99
C LYS B 108 17.10 -20.65 -2.49
N PRO B 109 16.27 -21.61 -2.08
CA PRO B 109 16.07 -21.81 -0.64
C PRO B 109 17.31 -22.36 0.05
N TYR B 110 17.34 -22.16 1.37
CA TYR B 110 18.47 -22.51 2.22
C TYR B 110 19.75 -21.76 1.85
N ASP B 111 19.65 -20.68 1.08
CA ASP B 111 20.82 -19.88 0.75
C ASP B 111 21.22 -19.03 1.94
N LYS B 112 22.43 -18.46 1.89
CA LYS B 112 23.02 -17.76 3.03
C LYS B 112 23.17 -16.26 2.76
N ILE B 113 22.89 -15.46 3.77
CA ILE B 113 22.95 -14.01 3.70
C ILE B 113 23.86 -13.50 4.81
N LEU B 114 24.73 -12.54 4.48
CA LEU B 114 25.66 -11.93 5.44
C LEU B 114 25.42 -10.43 5.43
N GLY B 115 24.80 -9.91 6.49
CA GLY B 115 24.48 -8.50 6.61
C GLY B 115 24.95 -7.93 7.93
N MET B 116 24.68 -6.64 8.12
CA MET B 116 25.22 -5.94 9.28
C MET B 116 24.27 -5.99 10.47
N ASP B 117 24.88 -6.06 11.66
CA ASP B 117 24.20 -5.85 12.93
C ASP B 117 25.14 -5.06 13.83
N LEU B 118 24.58 -4.46 14.88
CA LEU B 118 25.35 -3.57 15.76
C LEU B 118 26.02 -4.37 16.89
N SER B 119 26.87 -5.31 16.47
CA SER B 119 27.61 -6.19 17.39
C SER B 119 26.73 -6.81 18.48
N LYS B 135 11.73 -16.54 4.65
CA LYS B 135 11.82 -17.76 3.86
C LYS B 135 12.97 -18.65 4.34
N HIS B 136 13.35 -19.61 3.50
CA HIS B 136 14.31 -20.65 3.85
C HIS B 136 15.74 -20.14 4.06
N TYR B 137 15.99 -18.83 4.00
CA TYR B 137 17.34 -18.32 4.01
C TYR B 137 17.92 -18.30 5.43
N GLN B 138 19.25 -18.39 5.49
CA GLN B 138 20.00 -18.40 6.75
C GLN B 138 20.83 -17.12 6.85
N SER B 139 20.72 -16.43 7.98
CA SER B 139 21.30 -15.12 8.17
C SER B 139 22.56 -15.19 9.04
N PHE B 140 23.61 -14.50 8.60
CA PHE B 140 24.82 -14.31 9.40
C PHE B 140 25.11 -12.82 9.47
N SER B 141 25.90 -12.43 10.47
CA SER B 141 26.14 -11.02 10.73
C SER B 141 27.63 -10.72 10.82
N TYR B 142 28.02 -9.59 10.23
CA TYR B 142 29.27 -8.93 10.60
C TYR B 142 28.95 -7.77 11.52
N GLY B 143 29.99 -7.21 12.13
CA GLY B 143 29.79 -6.21 13.15
C GLY B 143 30.75 -5.04 13.16
N VAL B 144 30.94 -4.47 14.34
CA VAL B 144 31.63 -3.19 14.54
C VAL B 144 32.87 -3.43 15.41
N ASN B 145 33.96 -2.73 15.09
CA ASN B 145 35.17 -2.86 15.89
C ASN B 145 35.00 -2.05 17.19
N LEU B 146 36.09 -1.87 17.94
CA LEU B 146 35.97 -1.14 19.19
C LEU B 146 35.79 0.36 18.93
N ASP B 147 36.42 0.89 17.88
CA ASP B 147 36.31 2.31 17.57
C ASP B 147 34.89 2.73 17.21
N GLY B 148 34.02 1.79 16.83
CA GLY B 148 32.71 2.12 16.34
C GLY B 148 32.55 2.07 14.83
N TYR B 149 33.62 1.74 14.11
CA TYR B 149 33.56 1.61 12.66
C TYR B 149 33.31 0.17 12.26
N ILE B 150 32.72 -0.01 11.08
CA ILE B 150 32.67 -1.32 10.47
C ILE B 150 34.07 -1.88 10.39
N ASP B 151 34.26 -3.12 10.83
CA ASP B 151 35.56 -3.79 10.75
C ASP B 151 35.54 -4.64 9.48
N TYR B 152 36.27 -4.19 8.46
CA TYR B 152 36.26 -4.88 7.17
C TYR B 152 37.15 -6.12 7.21
N GLU B 153 38.13 -6.14 8.11
CA GLU B 153 39.01 -7.31 8.24
C GLU B 153 38.23 -8.52 8.75
N GLU B 154 37.43 -8.34 9.80
CA GLU B 154 36.57 -9.42 10.29
C GLU B 154 35.50 -9.76 9.28
N ALA B 155 34.87 -8.75 8.69
CA ALA B 155 33.83 -8.98 7.68
C ALA B 155 34.32 -9.86 6.54
N LEU B 156 35.61 -9.72 6.19
CA LEU B 156 36.23 -10.62 5.21
C LEU B 156 36.36 -12.03 5.77
N LYS B 157 36.84 -12.15 7.01
CA LYS B 157 37.06 -13.46 7.61
C LYS B 157 35.76 -14.24 7.78
N ILE B 158 34.67 -13.54 8.07
CA ILE B 158 33.39 -14.25 8.20
C ILE B 158 32.86 -14.64 6.82
N ALA B 159 33.18 -13.86 5.78
CA ALA B 159 32.69 -14.21 4.45
C ALA B 159 33.47 -15.37 3.85
N GLN B 160 34.78 -15.46 4.15
CA GLN B 160 35.54 -16.64 3.73
C GLN B 160 34.99 -17.90 4.38
N SER B 161 34.60 -17.80 5.65
CA SER B 161 34.17 -18.98 6.40
C SER B 161 32.73 -19.36 6.06
N VAL B 162 31.82 -18.38 6.06
CA VAL B 162 30.42 -18.68 5.79
C VAL B 162 30.20 -19.01 4.32
N LYS B 163 30.91 -18.31 3.42
CA LYS B 163 30.73 -18.41 1.97
C LYS B 163 29.32 -18.02 1.57
N PRO B 164 28.88 -16.80 1.90
CA PRO B 164 27.49 -16.44 1.61
C PRO B 164 27.30 -16.23 0.11
N GLU B 165 26.04 -16.32 -0.32
CA GLU B 165 25.70 -16.04 -1.70
C GLU B 165 25.31 -14.59 -1.94
N ILE B 166 25.07 -13.83 -0.89
CA ILE B 166 24.87 -12.39 -1.00
C ILE B 166 25.40 -11.74 0.27
N ILE B 167 26.12 -10.64 0.10
CA ILE B 167 26.53 -9.78 1.22
C ILE B 167 25.71 -8.50 1.13
N VAL B 168 25.25 -8.02 2.29
CA VAL B 168 24.40 -6.84 2.36
C VAL B 168 25.13 -5.74 3.12
N CYS B 169 25.20 -4.55 2.52
CA CYS B 169 25.66 -3.35 3.22
C CYS B 169 24.46 -2.63 3.80
N GLY B 170 24.67 -1.39 4.25
CA GLY B 170 23.57 -0.59 4.75
C GLY B 170 23.04 -1.01 6.10
N PHE B 171 22.85 -0.03 6.97
CA PHE B 171 22.48 -0.34 8.35
C PHE B 171 21.78 0.87 8.95
N SER B 172 20.75 0.59 9.74
CA SER B 172 19.84 1.65 10.20
C SER B 172 20.55 2.66 11.10
N ALA B 173 21.45 2.19 11.96
CA ALA B 173 22.03 3.01 13.01
C ALA B 173 23.56 3.09 12.91
N TYR B 174 24.08 3.17 11.70
CA TYR B 174 25.51 3.36 11.51
C TYR B 174 25.80 4.83 11.27
N PRO B 175 26.75 5.44 12.00
CA PRO B 175 27.00 6.88 11.86
C PRO B 175 28.00 7.28 10.80
N ARG B 176 28.57 6.34 10.03
CA ARG B 176 29.62 6.67 9.07
C ARG B 176 29.30 6.08 7.70
N GLU B 177 30.21 6.33 6.76
CA GLU B 177 29.99 5.97 5.37
C GLU B 177 30.28 4.49 5.11
N ILE B 178 29.50 3.90 4.23
CA ILE B 178 29.67 2.51 3.85
C ILE B 178 30.69 2.46 2.71
N ASP B 179 31.72 1.63 2.88
CA ASP B 179 32.79 1.51 1.89
C ASP B 179 32.41 0.40 0.91
N PHE B 180 31.57 0.77 -0.07
CA PHE B 180 31.09 -0.21 -1.04
C PHE B 180 32.24 -0.86 -1.80
N LYS B 181 33.23 -0.06 -2.21
CA LYS B 181 34.33 -0.60 -3.00
C LYS B 181 35.02 -1.76 -2.29
N LYS B 182 35.10 -1.68 -0.96
CA LYS B 182 35.71 -2.78 -0.21
C LYS B 182 34.75 -3.95 -0.06
N PHE B 183 33.44 -3.68 0.06
CA PHE B 183 32.47 -4.77 0.14
C PHE B 183 32.42 -5.57 -1.15
N ARG B 184 32.65 -4.92 -2.29
CA ARG B 184 32.77 -5.67 -3.55
C ARG B 184 33.98 -6.60 -3.51
N GLU B 185 35.10 -6.12 -2.98
CA GLU B 185 36.29 -6.96 -2.90
C GLU B 185 36.02 -8.20 -2.04
N ILE B 186 35.25 -8.05 -0.97
CA ILE B 186 34.89 -9.21 -0.16
C ILE B 186 33.93 -10.10 -0.92
N ALA B 187 32.91 -9.51 -1.57
CA ALA B 187 31.96 -10.29 -2.35
C ALA B 187 32.66 -11.01 -3.48
N ASP B 188 33.47 -10.29 -4.26
CA ASP B 188 34.16 -10.88 -5.40
C ASP B 188 35.21 -11.90 -4.97
N GLU B 189 35.72 -11.81 -3.74
CA GLU B 189 36.67 -12.81 -3.27
C GLU B 189 36.02 -14.15 -2.98
N VAL B 190 34.77 -14.15 -2.50
CA VAL B 190 34.06 -15.37 -2.14
C VAL B 190 32.94 -15.70 -3.11
N GLY B 191 32.84 -14.97 -4.22
CA GLY B 191 31.81 -15.24 -5.21
C GLY B 191 30.40 -14.92 -4.76
N ALA B 192 30.22 -13.92 -3.90
CA ALA B 192 28.90 -13.53 -3.45
C ALA B 192 28.42 -12.30 -4.22
N LEU B 193 27.10 -12.14 -4.24
CA LEU B 193 26.49 -10.91 -4.72
C LEU B 193 26.59 -9.82 -3.66
N LEU B 194 26.70 -8.58 -4.12
CA LEU B 194 26.74 -7.44 -3.21
C LEU B 194 25.43 -6.66 -3.33
N LEU B 195 24.70 -6.55 -2.22
CA LEU B 195 23.48 -5.77 -2.14
C LEU B 195 23.72 -4.58 -1.24
N GLY B 196 23.75 -3.39 -1.83
CA GLY B 196 23.81 -2.17 -1.06
C GLY B 196 22.42 -1.71 -0.68
N ASP B 197 22.17 -1.53 0.61
CA ASP B 197 20.86 -1.10 1.10
C ASP B 197 21.04 0.34 1.57
N ILE B 198 20.86 1.27 0.65
CA ILE B 198 21.11 2.68 0.91
C ILE B 198 19.84 3.37 1.40
N ALA B 199 18.93 2.60 2.00
CA ALA B 199 17.62 3.13 2.38
C ALA B 199 17.72 4.24 3.43
N HIS B 200 18.67 4.14 4.36
CA HIS B 200 18.80 5.12 5.42
C HIS B 200 19.71 6.28 5.04
N VAL B 201 20.29 6.25 3.85
CA VAL B 201 21.33 7.21 3.50
C VAL B 201 21.10 7.68 2.07
N ALA B 202 19.90 7.40 1.54
CA ALA B 202 19.63 7.58 0.11
C ALA B 202 19.70 9.05 -0.30
N GLY B 203 19.11 9.94 0.49
CA GLY B 203 19.15 11.35 0.15
C GLY B 203 20.57 11.87 0.02
N LEU B 204 21.50 11.31 0.80
CA LEU B 204 22.89 11.75 0.73
C LEU B 204 23.62 11.12 -0.45
N VAL B 205 23.27 9.90 -0.81
CA VAL B 205 23.94 9.20 -1.90
C VAL B 205 23.66 9.90 -3.22
N VAL B 206 22.38 10.12 -3.52
CA VAL B 206 21.98 10.69 -4.80
C VAL B 206 22.32 12.16 -4.91
N THR B 207 22.91 12.74 -3.87
CA THR B 207 23.35 14.12 -3.84
C THR B 207 24.87 14.25 -3.98
N GLY B 208 25.61 13.16 -3.78
CA GLY B 208 27.05 13.22 -3.80
C GLY B 208 27.67 13.44 -2.43
N GLU B 209 26.86 13.51 -1.37
CA GLU B 209 27.34 13.66 -0.01
C GLU B 209 27.58 12.32 0.68
N HIS B 210 27.52 11.22 -0.07
CA HIS B 210 27.86 9.91 0.45
C HIS B 210 28.44 9.08 -0.69
N ALA B 211 29.34 8.17 -0.35
CA ALA B 211 29.97 7.29 -1.33
C ALA B 211 28.92 6.61 -2.20
N HIS B 212 29.27 6.40 -3.45
CA HIS B 212 28.14 5.89 -4.23
C HIS B 212 28.18 4.37 -4.33
N PRO B 213 27.03 3.71 -4.15
CA PRO B 213 27.01 2.24 -4.20
C PRO B 213 27.30 1.65 -5.56
N PHE B 214 27.39 2.45 -6.61
CA PHE B 214 27.61 1.93 -7.95
C PHE B 214 28.96 2.37 -8.51
N PRO B 215 29.59 1.53 -9.34
CA PRO B 215 29.10 0.23 -9.81
C PRO B 215 29.57 -0.96 -8.95
N HIS B 216 29.98 -0.70 -7.72
CA HIS B 216 30.49 -1.76 -6.85
C HIS B 216 29.39 -2.78 -6.52
N CYS B 217 28.25 -2.30 -6.05
CA CYS B 217 27.15 -3.18 -5.69
C CYS B 217 26.51 -3.79 -6.94
N HIS B 218 26.30 -5.11 -6.92
CA HIS B 218 25.57 -5.75 -8.00
C HIS B 218 24.14 -5.24 -8.06
N VAL B 219 23.49 -5.11 -6.90
CA VAL B 219 22.12 -4.66 -6.80
C VAL B 219 22.00 -3.70 -5.62
N VAL B 220 21.12 -2.71 -5.75
CA VAL B 220 20.90 -1.72 -4.70
C VAL B 220 19.41 -1.68 -4.38
N SER B 221 19.09 -1.56 -3.10
CA SER B 221 17.71 -1.36 -2.65
C SER B 221 17.64 -0.07 -1.85
N SER B 222 16.45 0.51 -1.78
CA SER B 222 16.27 1.74 -1.01
C SER B 222 14.79 1.98 -0.75
N THR B 223 14.54 2.87 0.20
CA THR B 223 13.24 3.47 0.45
C THR B 223 13.14 4.79 -0.31
N THR B 224 11.90 5.24 -0.52
CA THR B 224 11.69 6.52 -1.19
C THR B 224 11.31 7.63 -0.23
N HIS B 225 11.20 7.35 1.07
CA HIS B 225 10.93 8.35 2.08
C HIS B 225 12.21 8.61 2.88
N LYS B 226 12.07 8.91 4.17
CA LYS B 226 13.21 9.31 4.98
C LYS B 226 13.94 10.48 4.34
N THR B 227 15.22 10.29 4.02
CA THR B 227 16.02 11.41 3.52
C THR B 227 15.61 11.82 2.11
N LEU B 228 15.10 10.88 1.31
CA LEU B 228 14.65 11.22 -0.04
C LEU B 228 13.40 12.11 -0.04
N ARG B 229 12.68 12.17 1.09
CA ARG B 229 11.48 12.99 1.28
C ARG B 229 10.36 12.66 0.31
N GLY B 230 10.34 11.46 -0.25
CA GLY B 230 9.28 11.06 -1.13
C GLY B 230 8.21 10.28 -0.39
N PRO B 231 7.36 9.58 -1.14
CA PRO B 231 6.33 8.75 -0.51
C PRO B 231 6.95 7.47 0.04
N ARG B 232 6.15 6.74 0.80
CA ARG B 232 6.64 5.53 1.43
C ARG B 232 6.54 4.36 0.45
N GLY B 233 7.65 3.64 0.32
CA GLY B 233 7.76 2.59 -0.65
C GLY B 233 9.26 2.23 -0.85
N GLY B 234 9.45 1.34 -1.82
CA GLY B 234 10.80 0.81 -2.06
C GLY B 234 11.21 0.95 -3.52
N ILE B 235 12.50 0.71 -3.73
CA ILE B 235 13.14 0.85 -5.04
C ILE B 235 14.30 -0.13 -5.11
N ILE B 236 14.38 -0.88 -6.22
CA ILE B 236 15.48 -1.80 -6.48
C ILE B 236 16.20 -1.37 -7.75
N LEU B 237 17.52 -1.23 -7.67
CA LEU B 237 18.33 -0.73 -8.76
C LEU B 237 19.43 -1.73 -9.09
N THR B 238 19.95 -1.64 -10.31
CA THR B 238 21.01 -2.53 -10.79
C THR B 238 21.49 -2.04 -12.16
N ASN B 239 22.76 -2.35 -12.49
CA ASN B 239 23.30 -2.16 -13.83
C ASN B 239 23.42 -3.46 -14.61
N ASP B 240 22.87 -4.56 -14.10
CA ASP B 240 22.88 -5.85 -14.78
C ASP B 240 21.47 -6.16 -15.25
N GLU B 241 21.34 -6.49 -16.54
CA GLU B 241 20.01 -6.68 -17.11
C GLU B 241 19.38 -8.00 -16.66
N GLU B 242 20.17 -9.07 -16.57
CA GLU B 242 19.62 -10.35 -16.16
C GLU B 242 19.25 -10.37 -14.68
N ILE B 243 19.87 -9.51 -13.86
CA ILE B 243 19.35 -9.29 -12.51
C ILE B 243 18.06 -8.48 -12.57
N ALA B 244 18.04 -7.43 -13.40
CA ALA B 244 16.87 -6.57 -13.53
C ALA B 244 15.65 -7.35 -14.01
N ALA B 245 15.86 -8.42 -14.78
CA ALA B 245 14.75 -9.21 -15.28
C ALA B 245 14.18 -10.13 -14.19
N LYS B 246 15.04 -10.68 -13.33
CA LYS B 246 14.56 -11.53 -12.25
C LYS B 246 13.74 -10.73 -11.25
N ILE B 247 14.17 -9.52 -10.93
CA ILE B 247 13.43 -8.67 -10.01
C ILE B 247 12.02 -8.41 -10.53
N ASP B 248 11.90 -8.09 -11.83
CA ASP B 248 10.59 -7.78 -12.39
C ASP B 248 9.62 -8.95 -12.25
N LYS B 249 10.13 -10.18 -12.36
CA LYS B 249 9.29 -11.35 -12.13
C LYS B 249 9.00 -11.58 -10.65
N ALA B 250 9.93 -11.18 -9.77
CA ALA B 250 9.66 -11.30 -8.34
C ALA B 250 8.67 -10.25 -7.86
N ILE B 251 8.59 -9.12 -8.57
CA ILE B 251 7.56 -8.14 -8.29
C ILE B 251 6.23 -8.54 -8.93
N PHE B 252 6.28 -9.29 -10.04
CA PHE B 252 5.06 -9.84 -10.64
C PHE B 252 4.23 -10.64 -9.66
N PRO B 253 4.80 -11.53 -8.84
CA PRO B 253 3.98 -12.30 -7.89
C PRO B 253 3.60 -11.49 -6.65
N GLY B 254 4.53 -10.67 -6.17
CA GLY B 254 4.27 -9.82 -5.03
C GLY B 254 3.66 -8.49 -5.39
N THR B 255 2.97 -8.44 -6.54
CA THR B 255 2.35 -7.20 -7.00
C THR B 255 1.29 -6.72 -6.02
N GLN B 256 0.55 -7.65 -5.42
CA GLN B 256 -0.39 -7.36 -4.33
C GLN B 256 -1.52 -6.44 -4.79
N GLY B 257 -2.17 -6.81 -5.90
CA GLY B 257 -3.37 -6.14 -6.36
C GLY B 257 -3.23 -4.68 -6.70
N GLY B 258 -2.27 -4.34 -7.56
CA GLY B 258 -2.07 -2.96 -7.98
C GLY B 258 -2.28 -2.74 -9.46
N PRO B 259 -1.35 -2.02 -10.12
CA PRO B 259 -0.33 -1.22 -9.42
C PRO B 259 -0.93 0.09 -8.93
N LEU B 260 -0.41 0.64 -7.84
CA LEU B 260 -0.99 1.84 -7.24
C LEU B 260 -0.49 3.05 -8.01
N MET B 261 -1.26 3.47 -9.01
CA MET B 261 -0.79 4.52 -9.91
C MET B 261 -0.58 5.84 -9.18
N HIS B 262 -1.38 6.13 -8.15
CA HIS B 262 -1.13 7.36 -7.40
C HIS B 262 0.17 7.28 -6.61
N VAL B 263 0.57 6.09 -6.17
CA VAL B 263 1.79 5.97 -5.40
C VAL B 263 3.01 5.99 -6.31
N ILE B 264 2.93 5.35 -7.47
CA ILE B 264 4.03 5.39 -8.42
C ILE B 264 4.20 6.81 -8.97
N ALA B 265 3.08 7.50 -9.26
CA ALA B 265 3.17 8.88 -9.69
C ALA B 265 3.80 9.75 -8.61
N ALA B 266 3.50 9.47 -7.35
CA ALA B 266 4.12 10.20 -6.25
C ALA B 266 5.64 9.98 -6.24
N LYS B 267 6.09 8.74 -6.46
CA LYS B 267 7.52 8.45 -6.47
C LYS B 267 8.25 9.23 -7.54
N ALA B 268 7.66 9.33 -8.74
CA ALA B 268 8.26 10.13 -9.80
C ALA B 268 8.33 11.60 -9.41
N VAL B 269 7.33 12.08 -8.68
CA VAL B 269 7.34 13.48 -8.22
C VAL B 269 8.52 13.72 -7.28
N GLY B 270 8.74 12.80 -6.34
CA GLY B 270 9.85 12.96 -5.42
C GLY B 270 11.21 12.90 -6.11
N PHE B 271 11.37 11.94 -7.03
CA PHE B 271 12.63 11.80 -7.74
C PHE B 271 12.99 13.08 -8.47
N LYS B 272 11.99 13.79 -9.00
CA LYS B 272 12.28 15.01 -9.76
C LYS B 272 12.63 16.17 -8.85
N GLU B 273 12.08 16.22 -7.64
CA GLU B 273 12.53 17.20 -6.67
C GLU B 273 13.92 16.85 -6.15
N ASN B 274 14.28 15.56 -6.17
CA ASN B 274 15.59 15.14 -5.72
C ASN B 274 16.69 15.51 -6.71
N LEU B 275 16.34 15.69 -7.99
CA LEU B 275 17.34 16.07 -8.99
C LEU B 275 17.68 17.55 -8.93
N LYS B 276 16.81 18.37 -8.34
CA LYS B 276 17.06 19.80 -8.30
C LYS B 276 18.30 20.10 -7.48
N PRO B 277 19.04 21.17 -7.83
CA PRO B 277 20.15 21.59 -6.97
C PRO B 277 19.72 22.10 -5.61
N GLU B 278 18.43 22.36 -5.40
CA GLU B 278 17.95 22.63 -4.05
C GLU B 278 18.16 21.43 -3.15
N PHE B 279 18.07 20.22 -3.71
CA PHE B 279 18.20 19.03 -2.88
C PHE B 279 19.64 18.83 -2.44
N LYS B 280 20.61 19.08 -3.33
CA LYS B 280 22.01 18.99 -2.90
C LYS B 280 22.31 20.01 -1.81
N ALA B 281 21.76 21.22 -1.95
CA ALA B 281 21.85 22.19 -0.87
C ALA B 281 21.30 21.62 0.43
N TYR B 282 20.17 20.92 0.34
CA TYR B 282 19.54 20.35 1.53
C TYR B 282 20.40 19.24 2.13
N ALA B 283 20.91 18.33 1.29
CA ALA B 283 21.62 17.19 1.84
C ALA B 283 22.96 17.59 2.44
N GLN B 284 23.53 18.70 1.99
CA GLN B 284 24.69 19.23 2.68
C GLN B 284 24.29 19.81 4.04
N LEU B 285 23.13 20.47 4.10
CA LEU B 285 22.62 20.97 5.37
C LEU B 285 22.47 19.83 6.40
N VAL B 286 22.00 18.67 5.95
CA VAL B 286 21.76 17.57 6.87
C VAL B 286 23.05 17.14 7.55
N LYS B 287 24.13 17.02 6.77
CA LYS B 287 25.44 16.75 7.35
C LYS B 287 25.98 17.97 8.08
N SER B 288 25.83 19.15 7.47
CA SER B 288 26.27 20.40 8.11
C SER B 288 25.68 20.53 9.51
N ASN B 289 24.36 20.38 9.64
CA ASN B 289 23.71 20.47 10.95
C ASN B 289 24.17 19.35 11.88
N MET B 290 24.36 18.15 11.34
CA MET B 290 24.77 17.03 12.18
C MET B 290 26.17 17.24 12.74
N GLN B 291 27.02 17.99 12.04
CA GLN B 291 28.35 18.28 12.57
C GLN B 291 28.28 19.29 13.70
N VAL B 292 27.46 20.33 13.54
CA VAL B 292 27.25 21.31 14.61
C VAL B 292 26.79 20.61 15.89
N LEU B 293 25.77 19.76 15.77
CA LEU B 293 25.21 19.10 16.95
C LEU B 293 26.23 18.16 17.58
N ALA B 294 26.91 17.35 16.76
CA ALA B 294 27.91 16.44 17.29
C ALA B 294 29.04 17.19 17.99
N LYS B 295 29.46 18.32 17.41
CA LYS B 295 30.49 19.14 18.04
C LYS B 295 30.02 19.68 19.38
N ALA B 296 28.76 20.11 19.45
CA ALA B 296 28.23 20.70 20.68
C ALA B 296 28.16 19.65 21.80
N LEU B 297 27.70 18.44 21.47
CA LEU B 297 27.59 17.40 22.49
C LEU B 297 28.96 17.03 23.04
N LYS B 298 30.01 17.05 22.20
CA LYS B 298 31.31 16.59 22.65
C LYS B 298 31.96 17.59 23.61
N GLU B 299 31.80 18.89 23.36
CA GLU B 299 32.42 19.86 24.23
C GLU B 299 31.70 20.01 25.57
N LYS B 300 30.53 19.37 25.73
CA LYS B 300 29.94 19.13 27.03
C LYS B 300 30.28 17.74 27.56
N ASN B 301 31.32 17.12 27.01
CA ASN B 301 31.89 15.85 27.52
C ASN B 301 30.92 14.69 27.37
N HIS B 302 30.18 14.66 26.27
CA HIS B 302 29.31 13.54 25.97
C HIS B 302 29.96 12.62 24.94
N LYS B 303 29.82 11.31 25.15
CA LYS B 303 30.50 10.32 24.33
C LYS B 303 29.58 9.90 23.19
N LEU B 304 30.11 9.95 21.97
CA LEU B 304 29.38 9.56 20.77
C LEU B 304 29.98 8.28 20.22
N VAL B 305 29.12 7.39 19.75
CA VAL B 305 29.59 6.15 19.14
C VAL B 305 30.36 6.49 17.86
N SER B 306 31.59 5.98 17.76
CA SER B 306 32.55 6.27 16.70
C SER B 306 33.11 7.70 16.78
N GLY B 307 32.83 8.42 17.86
CA GLY B 307 33.40 9.73 18.06
C GLY B 307 32.78 10.84 17.24
N GLY B 308 31.78 10.56 16.41
CA GLY B 308 31.19 11.60 15.58
C GLY B 308 30.32 11.01 14.51
N THR B 309 30.30 11.69 13.36
CA THR B 309 29.38 11.34 12.30
C THR B 309 29.92 11.85 10.96
N SER B 310 29.62 11.09 9.92
CA SER B 310 29.85 11.48 8.53
C SER B 310 28.54 11.42 7.76
N ASN B 311 27.47 11.82 8.44
CA ASN B 311 26.17 11.20 8.21
C ASN B 311 25.06 12.21 8.48
N HIS B 312 23.84 11.69 8.47
CA HIS B 312 22.64 12.38 8.90
C HIS B 312 22.30 12.07 10.35
N LEU B 313 23.03 11.16 10.98
CA LEU B 313 22.62 10.57 12.25
C LEU B 313 23.80 10.49 13.20
N LEU B 314 23.49 10.36 14.48
CA LEU B 314 24.46 10.39 15.57
C LEU B 314 23.96 9.47 16.69
N LEU B 315 24.86 8.74 17.35
CA LEU B 315 24.47 7.87 18.47
C LEU B 315 25.24 8.27 19.74
N MET B 316 24.50 8.59 20.79
CA MET B 316 25.12 8.88 22.09
C MET B 316 25.43 7.59 22.82
N ASP B 317 26.55 7.60 23.55
CA ASP B 317 27.03 6.44 24.29
C ASP B 317 26.78 6.67 25.77
N PHE B 318 25.93 5.86 26.37
CA PHE B 318 25.64 5.93 27.80
C PHE B 318 26.11 4.68 28.51
N LEU B 319 27.15 4.03 27.99
CA LEU B 319 27.64 2.80 28.59
C LEU B 319 28.06 3.02 30.04
N ASP B 320 29.03 3.92 30.24
CA ASP B 320 29.54 4.24 31.57
C ASP B 320 28.84 5.50 32.09
N LYS B 321 27.53 5.37 32.30
CA LYS B 321 26.67 6.47 32.75
C LYS B 321 25.53 5.89 33.55
N PRO B 322 24.97 6.63 34.52
CA PRO B 322 23.93 6.07 35.39
C PRO B 322 22.54 5.97 34.76
N TYR B 323 22.27 6.66 33.67
CA TYR B 323 20.96 6.64 33.04
C TYR B 323 20.99 5.82 31.75
N SER B 324 19.80 5.45 31.29
CA SER B 324 19.64 4.52 30.18
C SER B 324 19.22 5.25 28.91
N GLY B 325 19.34 4.54 27.79
CA GLY B 325 18.85 5.05 26.52
C GLY B 325 17.35 5.25 26.52
N LYS B 326 16.62 4.35 27.20
CA LYS B 326 15.20 4.60 27.44
C LYS B 326 15.00 5.78 28.37
N ASP B 327 15.85 5.90 29.39
CA ASP B 327 15.76 7.03 30.30
C ASP B 327 16.00 8.35 29.58
N ALA B 328 16.93 8.36 28.62
CA ALA B 328 17.20 9.58 27.86
C ALA B 328 16.06 9.87 26.89
N ASP B 329 15.56 8.84 26.19
CA ASP B 329 14.44 8.99 25.27
C ASP B 329 13.24 9.63 25.97
N ILE B 330 12.70 8.95 26.99
CA ILE B 330 11.55 9.47 27.73
C ILE B 330 11.82 10.89 28.22
N ALA B 331 13.06 11.17 28.65
CA ALA B 331 13.41 12.46 29.23
C ALA B 331 13.19 13.60 28.24
N LEU B 332 13.89 13.55 27.10
CA LEU B 332 13.76 14.58 26.08
C LEU B 332 12.45 14.48 25.29
N GLY B 333 11.87 13.29 25.15
CA GLY B 333 10.53 13.20 24.58
C GLY B 333 9.57 14.13 25.31
N ASN B 334 9.63 14.15 26.63
CA ASN B 334 8.84 15.08 27.42
C ASN B 334 9.38 16.50 27.39
N ALA B 335 10.42 16.76 26.60
CA ALA B 335 10.99 18.09 26.43
C ALA B 335 10.78 18.64 25.03
N GLY B 336 10.07 17.91 24.17
CA GLY B 336 9.84 18.29 22.80
C GLY B 336 10.75 17.59 21.81
N ILE B 337 11.94 17.20 22.23
CA ILE B 337 12.91 16.57 21.33
C ILE B 337 12.53 15.11 21.14
N THR B 338 12.16 14.74 19.93
CA THR B 338 11.75 13.36 19.63
C THR B 338 12.96 12.59 19.09
N VAL B 339 13.58 11.80 19.94
CA VAL B 339 14.61 10.85 19.52
C VAL B 339 14.11 9.45 19.87
N ASN B 340 14.88 8.43 19.52
CA ASN B 340 14.59 7.07 19.91
C ASN B 340 15.77 6.47 20.66
N LYS B 341 15.48 5.41 21.41
CA LYS B 341 16.53 4.65 22.07
C LYS B 341 17.13 3.64 21.11
N ASN B 342 18.41 3.34 21.30
CA ASN B 342 19.14 2.51 20.34
C ASN B 342 20.22 1.70 21.04
N THR B 343 20.46 0.50 20.53
CA THR B 343 21.59 -0.31 20.95
C THR B 343 22.89 0.29 20.41
N ILE B 344 23.95 0.16 21.19
CA ILE B 344 25.30 0.55 20.76
C ILE B 344 26.23 -0.64 20.97
N PRO B 345 27.40 -0.64 20.31
CA PRO B 345 28.31 -1.78 20.42
C PRO B 345 28.79 -2.01 21.85
N GLY B 346 28.75 -3.28 22.27
CA GLY B 346 29.12 -3.65 23.63
C GLY B 346 28.10 -3.24 24.67
N GLU B 347 26.84 -3.62 24.45
CA GLU B 347 25.73 -3.14 25.27
C GLU B 347 25.65 -3.92 26.58
N THR B 348 25.41 -3.18 27.67
CA THR B 348 25.21 -3.81 28.97
C THR B 348 23.74 -4.13 29.24
N ARG B 349 22.86 -3.17 28.99
CA ARG B 349 21.47 -3.28 29.43
C ARG B 349 20.67 -4.15 28.47
N SER B 350 19.38 -4.29 28.76
CA SER B 350 18.43 -5.11 28.02
C SER B 350 18.33 -4.65 26.56
N PRO B 351 17.50 -5.30 25.74
CA PRO B 351 17.15 -4.68 24.45
C PRO B 351 16.04 -3.64 24.51
N PHE B 352 15.06 -3.79 25.42
CA PHE B 352 13.97 -2.82 25.57
C PHE B 352 14.36 -1.62 26.43
N VAL B 353 15.43 -1.74 27.17
CA VAL B 353 16.19 -0.63 27.72
C VAL B 353 17.47 -0.59 26.91
N THR B 354 18.02 0.60 26.66
CA THR B 354 19.31 0.56 25.95
C THR B 354 20.37 1.42 26.62
N SER B 355 21.54 1.52 25.97
CA SER B 355 22.62 2.37 26.45
C SER B 355 22.93 3.51 25.49
N GLY B 356 22.07 3.73 24.49
CA GLY B 356 22.30 4.81 23.56
C GLY B 356 20.99 5.38 23.04
N ILE B 357 21.09 6.59 22.51
CA ILE B 357 20.00 7.20 21.76
C ILE B 357 20.54 7.57 20.39
N ARG B 358 19.65 7.59 19.40
CA ARG B 358 20.01 7.90 18.02
C ARG B 358 19.35 9.22 17.66
N ILE B 359 20.17 10.18 17.23
CA ILE B 359 19.70 11.53 16.93
C ILE B 359 19.95 11.80 15.46
N GLY B 360 18.87 12.03 14.70
CA GLY B 360 18.94 12.33 13.29
C GLY B 360 18.72 13.82 13.02
N SER B 361 19.07 14.22 11.80
CA SER B 361 19.12 15.64 11.47
C SER B 361 18.32 16.03 10.24
N ALA B 362 17.80 15.07 9.48
CA ALA B 362 17.22 15.38 8.19
C ALA B 362 15.88 16.13 8.33
N ALA B 363 15.00 15.64 9.20
CA ALA B 363 13.66 16.21 9.29
C ALA B 363 13.71 17.68 9.71
N LEU B 364 14.55 18.02 10.68
CA LEU B 364 14.67 19.42 11.08
C LEU B 364 15.35 20.24 10.01
N SER B 365 16.19 19.61 9.18
CA SER B 365 16.81 20.34 8.08
C SER B 365 15.79 20.69 7.01
N ALA B 366 14.83 19.79 6.77
CA ALA B 366 13.79 20.08 5.80
C ALA B 366 12.97 21.31 6.19
N ARG B 367 12.91 21.61 7.48
CA ARG B 367 12.24 22.84 7.93
C ARG B 367 13.10 24.08 7.69
N GLY B 368 14.39 23.91 7.42
CA GLY B 368 15.27 25.02 7.20
C GLY B 368 16.08 25.45 8.40
N MET B 369 16.01 24.71 9.51
CA MET B 369 16.83 25.05 10.67
C MET B 369 18.31 24.90 10.32
N GLY B 370 19.13 25.77 10.89
CA GLY B 370 20.54 25.77 10.55
C GLY B 370 21.44 25.59 11.74
N ALA B 371 22.66 26.13 11.66
CA ALA B 371 23.63 25.94 12.74
C ALA B 371 23.21 26.67 14.01
N LYS B 372 22.54 27.81 13.89
CA LYS B 372 22.08 28.54 15.07
C LYS B 372 21.10 27.71 15.88
N GLU B 373 20.15 27.06 15.21
CA GLU B 373 19.14 26.25 15.92
C GLU B 373 19.76 24.96 16.46
N PHE B 374 20.61 24.31 15.66
CA PHE B 374 21.21 23.05 16.09
C PHE B 374 22.24 23.24 17.19
N GLU B 375 22.88 24.42 17.28
CA GLU B 375 23.70 24.66 18.45
C GLU B 375 22.85 24.70 19.71
N ILE B 376 21.77 25.48 19.69
CA ILE B 376 20.86 25.55 20.84
C ILE B 376 20.39 24.16 21.24
N ILE B 377 20.12 23.30 20.24
CA ILE B 377 19.63 21.95 20.52
C ILE B 377 20.61 21.18 21.41
N GLY B 378 21.88 21.19 21.04
CA GLY B 378 22.87 20.40 21.77
C GLY B 378 22.97 20.77 23.24
N ASN B 379 23.00 22.07 23.55
CA ASN B 379 23.14 22.47 24.94
C ASN B 379 21.88 22.16 25.74
N LYS B 380 20.70 22.34 25.13
CA LYS B 380 19.47 21.94 25.81
C LYS B 380 19.45 20.44 26.08
N ILE B 381 20.07 19.65 25.21
CA ILE B 381 20.14 18.22 25.44
C ILE B 381 21.03 17.91 26.64
N SER B 382 22.19 18.58 26.73
CA SER B 382 23.08 18.37 27.88
C SER B 382 22.37 18.71 29.19
N ASP B 383 21.77 19.90 29.27
CA ASP B 383 21.09 20.30 30.50
C ASP B 383 20.08 19.27 30.97
N ILE B 384 19.41 18.59 30.02
CA ILE B 384 18.46 17.57 30.42
C ILE B 384 19.14 16.22 30.60
N LEU B 385 20.21 15.95 29.86
CA LEU B 385 20.91 14.68 30.06
C LEU B 385 21.67 14.66 31.37
N ASN B 386 22.19 15.81 31.81
CA ASN B 386 22.95 15.87 33.04
C ASN B 386 22.08 16.06 34.28
N ASP B 387 20.79 16.41 34.10
CA ASP B 387 19.77 16.36 35.16
C ASP B 387 18.57 15.62 34.56
N ILE B 388 18.69 14.29 34.47
CA ILE B 388 17.76 13.50 33.69
C ILE B 388 16.42 13.31 34.40
N ASN B 389 16.35 13.58 35.70
CA ASN B 389 15.11 13.37 36.46
C ASN B 389 14.49 14.68 36.93
N ASN B 390 14.86 15.80 36.30
CA ASN B 390 14.20 17.09 36.56
C ASN B 390 13.07 17.25 35.56
N VAL B 391 11.85 16.88 35.96
CA VAL B 391 10.70 17.00 35.07
C VAL B 391 10.31 18.47 34.88
N SER B 392 10.65 19.34 35.85
CA SER B 392 10.37 20.76 35.69
C SER B 392 11.28 21.39 34.65
N LEU B 393 12.56 21.00 34.66
CA LEU B 393 13.49 21.46 33.62
C LEU B 393 13.04 21.02 32.25
N GLN B 394 12.48 19.81 32.14
CA GLN B 394 12.04 19.30 30.85
C GLN B 394 10.87 20.11 30.30
N LEU B 395 9.82 20.30 31.09
CA LEU B 395 8.68 21.09 30.64
C LEU B 395 9.09 22.53 30.35
N HIS B 396 10.11 23.04 31.04
N HIS B 396 10.11 23.05 31.00
CA HIS B 396 10.63 24.38 30.80
CA HIS B 396 10.52 24.42 30.68
C HIS B 396 11.33 24.46 29.45
C HIS B 396 11.32 24.48 29.39
N VAL B 397 12.20 23.50 29.16
CA VAL B 397 12.90 23.44 27.88
C VAL B 397 11.91 23.27 26.73
N LYS B 398 10.81 22.56 26.98
CA LYS B 398 9.84 22.33 25.90
C LYS B 398 9.17 23.63 25.47
N GLU B 399 8.98 24.57 26.40
CA GLU B 399 8.38 25.85 26.04
C GLU B 399 9.36 26.78 25.31
N GLU B 400 10.65 26.70 25.64
CA GLU B 400 11.63 27.58 25.00
C GLU B 400 11.81 27.22 23.53
N LEU B 401 12.01 25.92 23.24
CA LEU B 401 12.31 25.50 21.88
C LEU B 401 11.06 25.38 21.01
N LYS B 402 9.87 25.32 21.61
CA LYS B 402 8.65 25.39 20.81
C LYS B 402 8.42 26.79 20.23
N ALA B 403 8.99 27.83 20.86
CA ALA B 403 8.97 29.15 20.24
C ALA B 403 9.99 29.23 19.11
N MET B 404 11.09 28.47 19.21
CA MET B 404 12.00 28.33 18.08
C MET B 404 11.32 27.58 16.94
N VAL B 405 10.70 26.44 17.24
CA VAL B 405 10.05 25.65 16.20
C VAL B 405 8.86 26.40 15.62
N ASN B 406 8.35 27.41 16.33
CA ASN B 406 7.27 28.25 15.79
C ASN B 406 7.73 29.03 14.57
N GLN B 407 9.04 29.28 14.45
CA GLN B 407 9.58 30.10 13.37
C GLN B 407 10.18 29.27 12.25
N PHE B 408 9.76 28.02 12.10
CA PHE B 408 10.26 27.14 11.05
C PHE B 408 9.15 26.20 10.58
N PRO B 409 8.13 26.75 9.92
CA PRO B 409 7.01 25.92 9.49
C PRO B 409 7.43 24.93 8.42
N VAL B 410 6.79 23.78 8.43
CA VAL B 410 7.09 22.72 7.47
C VAL B 410 6.18 22.81 6.26
N TYR B 411 4.89 22.97 6.50
CA TYR B 411 3.90 23.16 5.45
C TYR B 411 3.03 24.35 5.82
N HIS B 412 2.25 24.82 4.85
CA HIS B 412 1.24 25.84 5.08
C HIS B 412 -0.18 25.29 5.09
N GLN B 413 -0.37 24.03 4.73
CA GLN B 413 -1.67 23.42 4.55
C GLN B 413 -1.65 22.01 5.19
N PRO B 414 -2.79 21.60 5.73
CA PRO B 414 -2.86 20.19 6.20
C PRO B 414 -3.07 19.19 5.07
N ILE B 415 -3.81 19.56 4.02
CA ILE B 415 -4.22 18.65 2.96
C ILE B 415 -3.97 19.31 1.60
N PHE B 416 -3.76 18.47 0.58
CA PHE B 416 -3.40 18.95 -0.74
C PHE B 416 -4.33 18.40 -1.84
#